data_3CF9
#
_entry.id   3CF9
#
_cell.length_a   73.925
_cell.length_b   100.331
_cell.length_c   187.166
_cell.angle_alpha   90.000
_cell.angle_beta   90.000
_cell.angle_gamma   90.000
#
_symmetry.space_group_name_H-M   'P 21 21 21'
#
loop_
_entity.id
_entity.type
_entity.pdbx_description
1 polymer '(3R)-hydroxymyristoyl-acyl carrier protein dehydratase'
2 non-polymer 'CHLORIDE ION'
3 non-polymer 5,7-dihydroxy-2-(4-hydroxyphenyl)-4H-chromen-4-one
4 non-polymer BENZAMIDINE
5 water water
#
_entity_poly.entity_id   1
_entity_poly.type   'polypeptide(L)'
_entity_poly.pdbx_seq_one_letter_code
;MEQSHQNLQSQFFIEHILQILPHRYPMLLVDRITELQANQKIVAYKNITFNEDVFNGHFPNKPIFPGVLIVEGMAQSGGF
LAFTSLWGFDPEIAKTKIVYFMTIDKVKFRIPVTPGDRLEYHLEVLKHKGMIWQVGGTAQVDGKVVAEAELKAMIAERE
;
_entity_poly.pdbx_strand_id   A,B,C,D,E,F
#
loop_
_chem_comp.id
_chem_comp.type
_chem_comp.name
_chem_comp.formula
AGI non-polymer 5,7-dihydroxy-2-(4-hydroxyphenyl)-4H-chromen-4-one 'C15 H10 O5'
BEN non-polymer BENZAMIDINE 'C7 H8 N2'
CL non-polymer 'CHLORIDE ION' 'Cl -1'
#
# COMPACT_ATOMS: atom_id res chain seq x y z
N LEU A 8 3.18 37.31 -3.72
CA LEU A 8 3.51 35.89 -4.07
C LEU A 8 4.99 35.61 -3.75
N GLN A 9 5.22 34.60 -2.91
CA GLN A 9 6.59 34.17 -2.57
C GLN A 9 7.25 33.43 -3.74
N SER A 10 8.51 33.02 -3.53
CA SER A 10 9.22 32.19 -4.52
C SER A 10 9.55 30.81 -3.95
N GLN A 11 9.46 30.67 -2.63
CA GLN A 11 9.71 29.40 -1.94
C GLN A 11 8.41 28.87 -1.32
N PHE A 12 8.09 27.60 -1.61
CA PHE A 12 6.91 26.95 -1.06
C PHE A 12 7.26 25.55 -0.59
N PHE A 13 6.77 25.18 0.58
CA PHE A 13 7.02 23.87 1.15
C PHE A 13 5.76 23.00 1.06
N ILE A 14 5.86 21.74 1.46
CA ILE A 14 4.78 20.77 1.29
C ILE A 14 3.40 21.21 1.83
N GLU A 15 3.39 21.95 2.95
CA GLU A 15 2.14 22.50 3.49
C GLU A 15 1.43 23.40 2.48
N HIS A 16 2.21 24.19 1.74
CA HIS A 16 1.68 25.12 0.74
C HIS A 16 1.26 24.42 -0.56
N ILE A 17 2.03 23.40 -0.96
CA ILE A 17 1.71 22.58 -2.14
C ILE A 17 0.38 21.83 -1.95
N LEU A 18 0.15 21.30 -0.75
CA LEU A 18 -1.11 20.62 -0.41
C LEU A 18 -2.35 21.52 -0.44
N GLN A 19 -2.15 22.81 -0.18
CA GLN A 19 -3.24 23.79 -0.19
C GLN A 19 -3.61 24.27 -1.60
N ILE A 20 -2.68 24.11 -2.54
CA ILE A 20 -2.89 24.55 -3.93
C ILE A 20 -3.24 23.39 -4.85
N LEU A 21 -2.49 22.30 -4.79
CA LEU A 21 -2.77 21.13 -5.63
C LEU A 21 -3.79 20.18 -4.98
N PRO A 22 -4.67 19.57 -5.80
CA PRO A 22 -5.63 18.59 -5.31
C PRO A 22 -5.05 17.17 -5.26
N HIS A 23 -3.90 16.97 -5.90
CA HIS A 23 -3.22 15.68 -5.95
C HIS A 23 -2.85 15.23 -4.54
N ARG A 24 -3.04 13.94 -4.27
CA ARG A 24 -2.67 13.35 -2.99
C ARG A 24 -1.97 12.01 -3.24
N TYR A 25 -1.52 11.36 -2.17
CA TYR A 25 -0.85 10.06 -2.26
C TYR A 25 -1.70 9.04 -3.02
N PRO A 26 -1.09 8.26 -3.95
CA PRO A 26 0.31 8.25 -4.40
C PRO A 26 0.57 9.04 -5.70
N MET A 27 -0.10 10.17 -5.88
CA MET A 27 0.01 10.96 -7.11
C MET A 27 0.38 12.45 -6.90
N LEU A 28 0.78 12.83 -5.69
CA LEU A 28 1.41 14.14 -5.48
C LEU A 28 2.92 13.99 -5.58
N LEU A 29 3.48 14.58 -6.64
CA LEU A 29 4.83 14.30 -7.08
C LEU A 29 5.72 15.53 -7.11
N VAL A 30 5.41 16.49 -6.23
CA VAL A 30 6.22 17.68 -5.99
C VAL A 30 6.37 17.85 -4.46
N ASP A 31 7.61 18.03 -3.99
CA ASP A 31 7.88 18.12 -2.55
C ASP A 31 8.15 19.54 -2.05
N ARG A 32 8.74 20.36 -2.92
CA ARG A 32 9.15 21.71 -2.54
C ARG A 32 9.32 22.57 -3.78
N ILE A 33 9.03 23.86 -3.63
CA ILE A 33 9.21 24.84 -4.69
C ILE A 33 10.28 25.81 -4.24
N THR A 34 11.37 25.86 -4.99
CA THR A 34 12.53 26.66 -4.60
C THR A 34 12.56 28.02 -5.28
N GLU A 35 11.82 28.15 -6.38
CA GLU A 35 11.83 29.35 -7.20
C GLU A 35 10.53 29.45 -7.97
N LEU A 36 9.95 30.65 -7.96
CA LEU A 36 8.71 30.93 -8.68
C LEU A 36 8.67 32.38 -9.13
N GLN A 37 8.45 32.57 -10.42
CA GLN A 37 8.22 33.89 -10.99
C GLN A 37 6.89 33.85 -11.75
N ALA A 38 5.95 34.70 -11.34
CA ALA A 38 4.60 34.71 -11.91
C ALA A 38 4.60 34.87 -13.43
N ASN A 39 3.77 34.06 -14.10
CA ASN A 39 3.61 34.08 -15.56
C ASN A 39 4.89 33.76 -16.33
N GLN A 40 5.95 33.39 -15.61
CA GLN A 40 7.25 33.16 -16.24
C GLN A 40 7.82 31.78 -15.98
N LYS A 41 8.09 31.47 -14.71
CA LYS A 41 8.74 30.21 -14.41
C LYS A 41 8.57 29.67 -12.99
N ILE A 42 8.82 28.37 -12.87
CA ILE A 42 8.88 27.66 -11.60
C ILE A 42 10.07 26.70 -11.59
N VAL A 43 10.76 26.65 -10.46
CA VAL A 43 11.71 25.59 -10.17
C VAL A 43 11.24 24.87 -8.91
N ALA A 44 10.97 23.57 -9.06
CA ALA A 44 10.55 22.73 -7.94
C ALA A 44 11.32 21.41 -7.96
N TYR A 45 11.09 20.57 -6.96
CA TYR A 45 11.67 19.22 -6.97
C TYR A 45 10.85 18.18 -6.23
N LYS A 46 11.09 16.93 -6.60
CA LYS A 46 10.62 15.78 -5.87
C LYS A 46 11.86 14.95 -5.49
N ASN A 47 11.91 14.52 -4.24
CA ASN A 47 12.95 13.58 -3.80
C ASN A 47 12.58 12.18 -4.22
N ILE A 48 13.56 11.41 -4.66
CA ILE A 48 13.34 10.02 -5.03
C ILE A 48 13.96 9.11 -3.98
N THR A 49 13.12 8.26 -3.42
CA THR A 49 13.54 7.34 -2.35
C THR A 49 13.11 5.91 -2.68
N PHE A 50 13.85 4.91 -2.20
CA PHE A 50 13.47 3.52 -2.42
C PHE A 50 12.10 3.23 -1.78
N ASN A 51 11.82 3.95 -0.69
CA ASN A 51 10.59 3.80 0.10
C ASN A 51 9.32 4.32 -0.60
N GLU A 52 9.25 4.13 -1.91
CA GLU A 52 8.06 4.47 -2.67
C GLU A 52 7.48 3.21 -3.28
N ASP A 53 6.16 3.08 -3.19
CA ASP A 53 5.47 1.87 -3.61
C ASP A 53 5.70 1.60 -5.10
N VAL A 54 5.82 2.67 -5.87
CA VAL A 54 6.02 2.57 -7.31
C VAL A 54 7.20 1.65 -7.68
N PHE A 55 8.22 1.63 -6.82
CA PHE A 55 9.44 0.86 -7.08
C PHE A 55 9.27 -0.65 -6.92
N ASN A 56 8.24 -1.08 -6.21
CA ASN A 56 7.91 -2.49 -6.12
C ASN A 56 7.74 -3.13 -7.50
N GLY A 57 7.18 -2.38 -8.44
CA GLY A 57 6.92 -2.89 -9.78
C GLY A 57 7.63 -2.26 -10.95
N HIS A 58 8.60 -1.40 -10.69
CA HIS A 58 9.30 -0.68 -11.73
C HIS A 58 10.75 -0.37 -11.32
N PHE A 59 11.63 -1.36 -11.28
CA PHE A 59 11.32 -2.78 -11.51
C PHE A 59 11.86 -3.59 -10.33
N PRO A 60 11.41 -4.85 -10.17
CA PRO A 60 12.03 -5.66 -9.10
C PRO A 60 13.56 -5.72 -9.25
N ASN A 61 14.27 -5.45 -8.14
CA ASN A 61 15.75 -5.41 -8.08
C ASN A 61 16.43 -4.38 -8.98
N LYS A 62 15.64 -3.51 -9.60
CA LYS A 62 16.17 -2.47 -10.47
C LYS A 62 15.22 -1.26 -10.42
N PRO A 63 15.26 -0.50 -9.31
CA PRO A 63 14.37 0.67 -9.15
C PRO A 63 14.67 1.84 -10.10
N ILE A 64 13.75 2.08 -11.03
CA ILE A 64 13.82 3.20 -11.99
C ILE A 64 12.52 4.02 -11.86
N PHE A 65 12.65 5.30 -11.57
CA PHE A 65 11.49 6.19 -11.46
C PHE A 65 10.82 6.38 -12.82
N PRO A 66 9.56 5.93 -12.97
CA PRO A 66 8.89 5.96 -14.27
C PRO A 66 8.97 7.32 -14.97
N GLY A 67 9.40 7.30 -16.23
CA GLY A 67 9.50 8.48 -17.06
C GLY A 67 8.21 9.27 -17.13
N VAL A 68 7.08 8.56 -17.23
CA VAL A 68 5.76 9.21 -17.27
C VAL A 68 5.44 9.98 -15.99
N LEU A 69 5.99 9.53 -14.86
CA LEU A 69 5.84 10.21 -13.57
C LEU A 69 6.76 11.42 -13.40
N ILE A 70 7.87 11.44 -14.14
CA ILE A 70 8.70 12.63 -14.30
C ILE A 70 7.86 13.71 -15.00
N VAL A 71 7.21 13.31 -16.10
CA VAL A 71 6.32 14.18 -16.86
C VAL A 71 5.18 14.72 -15.98
N GLU A 72 4.55 13.83 -15.22
CA GLU A 72 3.48 14.18 -14.30
C GLU A 72 3.91 15.23 -13.25
N GLY A 73 5.09 15.03 -12.68
CA GLY A 73 5.66 15.98 -11.73
C GLY A 73 5.93 17.35 -12.36
N MET A 74 6.39 17.33 -13.60
CA MET A 74 6.58 18.55 -14.41
C MET A 74 5.26 19.28 -14.63
N ALA A 75 4.23 18.52 -15.03
CA ALA A 75 2.87 19.03 -15.20
C ALA A 75 2.27 19.66 -13.92
N GLN A 76 2.45 18.98 -12.78
CA GLN A 76 1.98 19.49 -11.50
C GLN A 76 2.66 20.80 -11.09
N SER A 77 3.96 20.89 -11.36
CA SER A 77 4.74 22.13 -11.17
C SER A 77 4.18 23.25 -12.04
N GLY A 78 3.94 22.94 -13.31
CA GLY A 78 3.33 23.86 -14.26
C GLY A 78 1.96 24.35 -13.83
N GLY A 79 1.11 23.43 -13.38
CA GLY A 79 -0.22 23.76 -12.86
C GLY A 79 -0.19 24.62 -11.60
N PHE A 80 0.80 24.38 -10.74
CA PHE A 80 1.02 25.24 -9.57
C PHE A 80 1.38 26.65 -10.02
N LEU A 81 2.31 26.75 -10.96
CA LEU A 81 2.71 28.03 -11.53
C LEU A 81 1.53 28.76 -12.18
N ALA A 82 0.76 28.04 -12.99
CA ALA A 82 -0.42 28.57 -13.66
C ALA A 82 -1.44 29.15 -12.68
N PHE A 83 -1.84 28.35 -11.68
CA PHE A 83 -2.85 28.80 -10.74
C PHE A 83 -2.38 30.04 -9.98
N THR A 84 -1.17 29.98 -9.41
CA THR A 84 -0.65 31.07 -8.58
C THR A 84 -0.35 32.34 -9.37
N SER A 85 -0.03 32.19 -10.66
CA SER A 85 0.16 33.34 -11.55
C SER A 85 -1.13 34.17 -11.67
N LEU A 86 -2.26 33.48 -11.61
CA LEU A 86 -3.57 34.11 -11.75
C LEU A 86 -4.21 34.56 -10.43
N TRP A 87 -4.10 33.76 -9.38
CA TRP A 87 -4.80 34.06 -8.12
C TRP A 87 -3.89 34.27 -6.93
N GLY A 88 -2.59 34.12 -7.14
CA GLY A 88 -1.62 34.10 -6.05
C GLY A 88 -1.86 32.90 -5.17
N PHE A 89 -1.37 32.97 -3.94
CA PHE A 89 -1.59 31.89 -2.97
C PHE A 89 -2.98 32.02 -2.38
N ASP A 90 -3.96 31.41 -3.06
CA ASP A 90 -5.35 31.45 -2.66
C ASP A 90 -5.90 30.03 -2.50
N PRO A 91 -5.73 29.42 -1.31
CA PRO A 91 -6.25 28.08 -1.03
C PRO A 91 -7.77 27.91 -1.21
N GLU A 92 -8.55 28.93 -0.85
CA GLU A 92 -10.02 28.87 -0.96
C GLU A 92 -10.46 28.67 -2.42
N ILE A 93 -9.84 29.42 -3.33
CA ILE A 93 -10.12 29.31 -4.77
C ILE A 93 -9.51 28.05 -5.41
N ALA A 94 -8.31 27.64 -4.96
CA ALA A 94 -7.64 26.43 -5.45
C ALA A 94 -8.49 25.17 -5.28
N LYS A 95 -9.20 25.12 -4.15
CA LYS A 95 -10.16 24.06 -3.82
C LYS A 95 -11.30 23.93 -4.83
N THR A 96 -11.47 24.95 -5.68
CA THR A 96 -12.58 25.00 -6.64
C THR A 96 -12.11 24.83 -8.08
N LYS A 97 -10.79 24.83 -8.26
CA LYS A 97 -10.17 24.69 -9.57
C LYS A 97 -9.37 23.39 -9.68
N ILE A 98 -9.15 22.97 -10.92
CA ILE A 98 -8.36 21.79 -11.21
C ILE A 98 -7.70 22.00 -12.58
N VAL A 99 -6.42 21.67 -12.67
CA VAL A 99 -5.66 21.82 -13.91
C VAL A 99 -5.62 20.47 -14.62
N TYR A 100 -6.14 20.43 -15.83
CA TYR A 100 -6.07 19.23 -16.67
C TYR A 100 -5.10 19.48 -17.80
N PHE A 101 -4.27 18.49 -18.08
CA PHE A 101 -3.37 18.62 -19.20
C PHE A 101 -3.96 18.05 -20.48
N MET A 102 -4.01 18.90 -21.51
CA MET A 102 -4.67 18.58 -22.76
C MET A 102 -3.71 17.87 -23.70
N THR A 103 -2.49 18.40 -23.79
CA THR A 103 -1.47 17.86 -24.68
C THR A 103 -0.11 17.70 -23.99
N ILE A 104 0.69 16.76 -24.51
CA ILE A 104 2.09 16.58 -24.15
C ILE A 104 2.89 16.36 -25.45
N ASP A 105 3.98 17.10 -25.60
CA ASP A 105 4.80 17.01 -26.82
C ASP A 105 6.28 17.02 -26.50
N LYS A 106 7.09 16.56 -27.46
CA LYS A 106 8.55 16.67 -27.42
C LYS A 106 9.16 16.15 -26.12
N VAL A 107 8.60 15.05 -25.62
CA VAL A 107 9.14 14.38 -24.45
C VAL A 107 10.37 13.59 -24.87
N LYS A 108 11.45 13.75 -24.12
CA LYS A 108 12.65 12.99 -24.34
C LYS A 108 13.23 12.56 -22.99
N PHE A 109 13.49 11.26 -22.84
CA PHE A 109 14.14 10.73 -21.65
C PHE A 109 15.62 10.46 -21.89
N ARG A 110 16.48 11.16 -21.14
CA ARG A 110 17.93 11.09 -21.36
C ARG A 110 18.70 10.24 -20.37
N ILE A 111 18.31 10.28 -19.09
CA ILE A 111 19.02 9.60 -18.02
C ILE A 111 18.02 9.00 -17.02
N PRO A 112 18.24 7.72 -16.60
CA PRO A 112 17.38 7.10 -15.59
C PRO A 112 17.43 7.77 -14.22
N VAL A 113 16.26 7.91 -13.61
CA VAL A 113 16.10 8.49 -12.28
C VAL A 113 15.95 7.35 -11.26
N THR A 114 16.82 7.35 -10.25
CA THR A 114 16.89 6.27 -9.28
C THR A 114 16.75 6.81 -7.84
N PRO A 115 16.43 5.91 -6.86
CA PRO A 115 16.47 6.30 -5.43
C PRO A 115 17.75 7.06 -5.05
N GLY A 116 17.60 8.07 -4.20
CA GLY A 116 18.73 8.93 -3.82
C GLY A 116 18.81 10.21 -4.64
N ASP A 117 18.10 10.26 -5.77
CA ASP A 117 18.08 11.43 -6.65
C ASP A 117 17.13 12.52 -6.18
N ARG A 118 17.51 13.76 -6.44
CA ARG A 118 16.67 14.92 -6.25
C ARG A 118 16.20 15.35 -7.63
N LEU A 119 14.93 15.06 -7.93
CA LEU A 119 14.37 15.28 -9.26
C LEU A 119 13.81 16.69 -9.37
N GLU A 120 14.58 17.56 -9.99
CA GLU A 120 14.27 18.98 -10.03
C GLU A 120 13.55 19.36 -11.33
N TYR A 121 12.39 19.99 -11.18
CA TYR A 121 11.58 20.42 -12.32
C TYR A 121 11.82 21.88 -12.65
N HIS A 122 12.19 22.15 -13.91
CA HIS A 122 12.39 23.51 -14.40
C HIS A 122 11.35 23.76 -15.47
N LEU A 123 10.29 24.49 -15.14
CA LEU A 123 9.25 24.80 -16.11
C LEU A 123 9.19 26.27 -16.41
N GLU A 124 8.97 26.59 -17.68
CA GLU A 124 8.86 27.97 -18.12
C GLU A 124 7.62 28.16 -18.99
N VAL A 125 7.00 29.33 -18.87
CA VAL A 125 5.76 29.65 -19.58
C VAL A 125 6.03 30.08 -21.02
N LEU A 126 5.56 29.26 -21.96
CA LEU A 126 5.74 29.53 -23.38
C LEU A 126 4.60 30.40 -23.93
N LYS A 127 3.38 30.10 -23.49
CA LYS A 127 2.19 30.90 -23.83
C LYS A 127 1.08 30.76 -22.76
N HIS A 128 0.39 31.85 -22.49
CA HIS A 128 -0.83 31.80 -21.67
C HIS A 128 -1.83 32.88 -22.13
N LYS A 129 -3.10 32.49 -22.29
CA LYS A 129 -4.12 33.47 -22.61
C LYS A 129 -5.05 33.72 -21.41
N GLY A 130 -5.78 32.70 -21.01
CA GLY A 130 -6.63 32.82 -19.83
C GLY A 130 -6.41 31.63 -18.93
N MET A 131 -7.30 30.64 -19.09
CA MET A 131 -7.21 29.38 -18.36
C MET A 131 -6.31 28.40 -19.09
N ILE A 132 -5.91 28.76 -20.31
CA ILE A 132 -5.07 27.91 -21.15
C ILE A 132 -3.57 28.29 -21.04
N TRP A 133 -2.75 27.30 -20.70
CA TRP A 133 -1.32 27.50 -20.41
C TRP A 133 -0.42 26.47 -21.12
N GLN A 134 0.54 26.98 -21.90
CA GLN A 134 1.56 26.15 -22.52
C GLN A 134 2.88 26.32 -21.78
N VAL A 135 3.40 25.22 -21.25
CA VAL A 135 4.66 25.21 -20.51
C VAL A 135 5.67 24.24 -21.11
N GLY A 136 6.95 24.54 -20.93
CA GLY A 136 8.01 23.66 -21.39
C GLY A 136 9.16 23.72 -20.41
N GLY A 137 10.03 22.71 -20.45
CA GLY A 137 11.17 22.70 -19.56
C GLY A 137 11.83 21.34 -19.44
N THR A 138 12.44 21.11 -18.29
CA THR A 138 13.28 19.95 -18.08
C THR A 138 13.13 19.40 -16.66
N ALA A 139 13.44 18.12 -16.50
CA ALA A 139 13.71 17.54 -15.21
C ALA A 139 15.22 17.36 -15.15
N GLN A 140 15.80 17.72 -14.02
CA GLN A 140 17.24 17.70 -13.85
C GLN A 140 17.62 17.00 -12.56
N VAL A 141 18.75 16.29 -12.62
CA VAL A 141 19.36 15.69 -11.44
C VAL A 141 20.81 16.10 -11.48
N ASP A 142 21.29 16.73 -10.40
CA ASP A 142 22.67 17.24 -10.31
C ASP A 142 23.05 18.15 -11.49
N GLY A 143 22.12 19.03 -11.88
CA GLY A 143 22.34 19.98 -12.96
C GLY A 143 22.40 19.37 -14.36
N LYS A 144 22.19 18.05 -14.46
CA LYS A 144 22.09 17.36 -15.75
C LYS A 144 20.62 17.10 -16.12
N VAL A 145 20.29 17.28 -17.40
CA VAL A 145 18.93 17.10 -17.91
C VAL A 145 18.61 15.62 -18.09
N VAL A 146 17.62 15.13 -17.35
CA VAL A 146 17.23 13.71 -17.40
C VAL A 146 15.98 13.49 -18.25
N ALA A 147 15.20 14.55 -18.43
CA ALA A 147 13.99 14.55 -19.24
C ALA A 147 13.67 15.98 -19.67
N GLU A 148 12.98 16.09 -20.81
CA GLU A 148 12.46 17.36 -21.28
C GLU A 148 11.06 17.13 -21.81
N ALA A 149 10.19 18.11 -21.67
CA ALA A 149 8.80 17.97 -22.11
C ALA A 149 8.12 19.32 -22.37
N GLU A 150 7.11 19.29 -23.22
CA GLU A 150 6.21 20.42 -23.41
C GLU A 150 4.79 19.96 -23.13
N LEU A 151 4.00 20.85 -22.54
CA LEU A 151 2.66 20.52 -22.10
C LEU A 151 1.75 21.73 -22.26
N LYS A 152 0.50 21.47 -22.59
CA LYS A 152 -0.56 22.47 -22.60
C LYS A 152 -1.58 22.05 -21.56
N ALA A 153 -1.88 22.97 -20.65
CA ALA A 153 -2.81 22.73 -19.56
C ALA A 153 -4.04 23.63 -19.65
N MET A 154 -5.06 23.24 -18.89
CA MET A 154 -6.31 23.96 -18.83
C MET A 154 -6.71 24.09 -17.36
N ILE A 155 -6.97 25.32 -16.92
CA ILE A 155 -7.53 25.54 -15.60
C ILE A 155 -9.03 25.37 -15.73
N ALA A 156 -9.52 24.27 -15.19
CA ALA A 156 -10.91 23.90 -15.33
C ALA A 156 -11.61 24.04 -13.98
N GLU A 157 -12.93 24.09 -14.02
CA GLU A 157 -13.74 23.97 -12.82
C GLU A 157 -13.59 22.57 -12.23
N ARG A 158 -13.62 22.49 -10.92
CA ARG A 158 -13.60 21.20 -10.23
C ARG A 158 -15.00 20.60 -10.18
N GLU A 159 -16.03 21.47 -10.24
CA GLU A 159 -17.43 21.05 -10.29
C GLU A 159 -18.18 21.67 -11.46
N GLN B 11 -4.15 -14.23 -28.79
CA GLN B 11 -4.67 -13.59 -27.55
C GLN B 11 -3.87 -14.01 -26.31
N PHE B 12 -3.25 -13.04 -25.67
CA PHE B 12 -2.43 -13.27 -24.48
C PHE B 12 -3.17 -12.83 -23.23
N PHE B 13 -3.00 -13.58 -22.16
CA PHE B 13 -3.63 -13.30 -20.89
C PHE B 13 -2.58 -12.83 -19.91
N ILE B 14 -3.00 -12.37 -18.73
CA ILE B 14 -2.08 -11.76 -17.76
C ILE B 14 -0.82 -12.61 -17.47
N GLU B 15 -0.99 -13.94 -17.41
CA GLU B 15 0.10 -14.87 -17.12
C GLU B 15 1.14 -14.87 -18.23
N HIS B 16 0.67 -14.76 -19.46
CA HIS B 16 1.56 -14.56 -20.62
C HIS B 16 2.25 -13.21 -20.56
N ILE B 17 1.48 -12.17 -20.23
CA ILE B 17 2.01 -10.80 -20.13
C ILE B 17 3.13 -10.74 -19.08
N LEU B 18 2.91 -11.36 -17.91
CA LEU B 18 3.89 -11.40 -16.82
C LEU B 18 5.23 -12.03 -17.20
N GLN B 19 5.20 -12.95 -18.17
CA GLN B 19 6.41 -13.62 -18.62
C GLN B 19 7.25 -12.78 -19.61
N ILE B 20 6.60 -11.80 -20.26
CA ILE B 20 7.27 -10.97 -21.27
C ILE B 20 7.70 -9.61 -20.68
N LEU B 21 6.76 -8.91 -20.04
CA LEU B 21 7.04 -7.62 -19.43
C LEU B 21 7.67 -7.77 -18.04
N PRO B 22 8.71 -6.96 -17.74
CA PRO B 22 9.34 -7.00 -16.42
C PRO B 22 8.55 -6.21 -15.35
N HIS B 23 7.56 -5.45 -15.79
CA HIS B 23 6.71 -4.62 -14.91
C HIS B 23 5.88 -5.47 -13.96
N ARG B 24 5.76 -5.01 -12.72
CA ARG B 24 4.96 -5.69 -11.72
C ARG B 24 4.09 -4.66 -10.99
N TYR B 25 3.30 -5.09 -10.03
CA TYR B 25 2.43 -4.19 -9.27
C TYR B 25 3.27 -3.10 -8.57
N PRO B 26 2.80 -1.83 -8.55
CA PRO B 26 1.61 -1.24 -9.17
C PRO B 26 1.89 -0.54 -10.52
N MET B 27 2.74 -1.13 -11.34
CA MET B 27 3.14 -0.53 -12.61
C MET B 27 2.98 -1.40 -13.86
N LEU B 28 2.33 -2.56 -13.71
CA LEU B 28 1.89 -3.34 -14.89
C LEU B 28 0.46 -2.94 -15.29
N LEU B 29 0.38 -2.22 -16.40
CA LEU B 29 -0.85 -1.51 -16.81
C LEU B 29 -1.48 -2.07 -18.08
N VAL B 30 -1.26 -3.36 -18.33
CA VAL B 30 -1.93 -4.09 -19.41
C VAL B 30 -2.44 -5.41 -18.82
N ASP B 31 -3.73 -5.70 -19.03
CA ASP B 31 -4.38 -6.92 -18.48
C ASP B 31 -4.59 -8.07 -19.48
N ARG B 32 -4.71 -7.74 -20.76
CA ARG B 32 -5.00 -8.74 -21.79
C ARG B 32 -4.68 -8.23 -23.19
N ILE B 33 -4.06 -9.08 -24.01
CA ILE B 33 -3.79 -8.77 -25.42
C ILE B 33 -4.85 -9.46 -26.28
N THR B 34 -5.70 -8.69 -26.93
CA THR B 34 -6.77 -9.28 -27.75
C THR B 34 -6.38 -9.48 -29.22
N GLU B 35 -5.39 -8.73 -29.69
CA GLU B 35 -4.98 -8.79 -31.10
C GLU B 35 -3.51 -8.43 -31.27
N LEU B 36 -2.81 -9.16 -32.14
CA LEU B 36 -1.39 -8.95 -32.39
C LEU B 36 -0.99 -9.41 -33.79
N GLN B 37 -0.52 -8.45 -34.60
CA GLN B 37 0.05 -8.73 -35.90
C GLN B 37 1.50 -8.31 -35.86
N ALA B 38 2.42 -9.25 -36.09
CA ALA B 38 3.85 -8.94 -36.05
C ALA B 38 4.24 -7.83 -37.01
N ASN B 39 5.08 -6.90 -36.52
CA ASN B 39 5.55 -5.72 -37.26
C ASN B 39 4.46 -4.71 -37.61
N GLN B 40 3.22 -4.98 -37.18
CA GLN B 40 2.06 -4.20 -37.64
C GLN B 40 1.27 -3.54 -36.50
N LYS B 41 0.55 -4.34 -35.72
CA LYS B 41 -0.31 -3.76 -34.69
C LYS B 41 -0.61 -4.62 -33.46
N ILE B 42 -1.14 -3.94 -32.44
CA ILE B 42 -1.61 -4.58 -31.23
C ILE B 42 -2.90 -3.90 -30.74
N VAL B 43 -3.88 -4.72 -30.36
CA VAL B 43 -4.98 -4.24 -29.52
C VAL B 43 -4.86 -4.93 -28.15
N ALA B 44 -4.90 -4.12 -27.10
CA ALA B 44 -4.74 -4.60 -25.73
C ALA B 44 -5.62 -3.75 -24.83
N TYR B 45 -5.88 -4.22 -23.61
CA TYR B 45 -6.62 -3.41 -22.67
C TYR B 45 -6.21 -3.55 -21.20
N LYS B 46 -6.57 -2.54 -20.43
CA LYS B 46 -6.49 -2.54 -18.99
C LYS B 46 -7.88 -2.18 -18.48
N ASN B 47 -8.40 -3.00 -17.59
CA ASN B 47 -9.64 -2.68 -16.88
C ASN B 47 -9.39 -1.60 -15.82
N ILE B 48 -10.32 -0.65 -15.72
CA ILE B 48 -10.23 0.41 -14.71
C ILE B 48 -11.27 0.15 -13.64
N THR B 49 -10.81 0.12 -12.39
CA THR B 49 -11.66 -0.17 -11.24
C THR B 49 -11.37 0.82 -10.10
N PHE B 50 -12.34 1.07 -9.23
CA PHE B 50 -12.09 1.95 -8.07
C PHE B 50 -11.02 1.36 -7.15
N ASN B 51 -10.90 0.04 -7.16
CA ASN B 51 -10.02 -0.70 -6.25
C ASN B 51 -8.55 -0.65 -6.65
N GLU B 52 -8.13 0.50 -7.14
CA GLU B 52 -6.73 0.75 -7.48
C GLU B 52 -6.20 1.85 -6.58
N ASP B 53 -4.96 1.68 -6.15
CA ASP B 53 -4.32 2.56 -5.19
C ASP B 53 -4.20 4.02 -5.69
N VAL B 54 -3.90 4.21 -6.97
CA VAL B 54 -3.85 5.55 -7.61
C VAL B 54 -5.06 6.46 -7.35
N PHE B 55 -6.24 5.87 -7.16
CA PHE B 55 -7.46 6.65 -7.00
C PHE B 55 -7.57 7.32 -5.63
N ASN B 56 -6.74 6.88 -4.69
CA ASN B 56 -6.63 7.54 -3.41
C ASN B 56 -6.18 9.00 -3.54
N GLY B 57 -5.48 9.32 -4.62
CA GLY B 57 -4.91 10.66 -4.77
C GLY B 57 -5.17 11.36 -6.09
N HIS B 58 -5.90 10.69 -6.97
CA HIS B 58 -6.14 11.21 -8.30
C HIS B 58 -7.59 10.92 -8.75
N PHE B 59 -8.58 11.58 -8.15
CA PHE B 59 -8.41 12.53 -7.07
C PHE B 59 -9.39 12.14 -5.94
N PRO B 60 -9.10 12.56 -4.68
CA PRO B 60 -10.09 12.31 -3.62
C PRO B 60 -11.48 12.85 -3.99
N ASN B 61 -12.50 12.01 -3.84
CA ASN B 61 -13.88 12.32 -4.23
C ASN B 61 -14.12 12.51 -5.76
N LYS B 62 -13.09 12.29 -6.57
CA LYS B 62 -13.21 12.36 -8.04
C LYS B 62 -12.19 11.45 -8.75
N PRO B 63 -12.50 10.14 -8.85
CA PRO B 63 -11.53 9.21 -9.46
C PRO B 63 -11.36 9.37 -10.99
N ILE B 64 -10.14 9.71 -11.38
CA ILE B 64 -9.76 9.93 -12.76
C ILE B 64 -8.44 9.20 -13.01
N PHE B 65 -8.43 8.26 -13.95
CA PHE B 65 -7.21 7.56 -14.29
C PHE B 65 -6.23 8.54 -14.93
N PRO B 66 -5.01 8.66 -14.36
CA PRO B 66 -4.03 9.63 -14.83
C PRO B 66 -3.68 9.44 -16.30
N GLY B 67 -3.70 10.54 -17.05
CA GLY B 67 -3.36 10.53 -18.46
C GLY B 67 -1.97 9.98 -18.76
N VAL B 68 -1.00 10.28 -17.91
CA VAL B 68 0.37 9.76 -18.08
C VAL B 68 0.42 8.23 -17.93
N LEU B 69 -0.52 7.68 -17.17
CA LEU B 69 -0.63 6.23 -16.99
C LEU B 69 -1.32 5.57 -18.18
N ILE B 70 -2.19 6.31 -18.84
CA ILE B 70 -2.76 5.88 -20.12
C ILE B 70 -1.63 5.71 -21.14
N VAL B 71 -0.76 6.72 -21.22
CA VAL B 71 0.43 6.71 -22.08
C VAL B 71 1.42 5.61 -21.71
N GLU B 72 1.56 5.33 -20.41
CA GLU B 72 2.35 4.21 -19.91
C GLU B 72 1.82 2.85 -20.38
N GLY B 73 0.50 2.69 -20.36
CA GLY B 73 -0.15 1.46 -20.83
C GLY B 73 0.01 1.25 -22.32
N MET B 74 0.02 2.36 -23.06
CA MET B 74 0.27 2.38 -24.50
C MET B 74 1.71 2.00 -24.82
N ALA B 75 2.65 2.55 -24.05
CA ALA B 75 4.06 2.18 -24.15
C ALA B 75 4.30 0.69 -23.88
N GLN B 76 3.69 0.18 -22.81
CA GLN B 76 3.83 -1.24 -22.46
C GLN B 76 3.27 -2.15 -23.53
N SER B 77 2.14 -1.76 -24.13
CA SER B 77 1.57 -2.48 -25.28
C SER B 77 2.50 -2.43 -26.50
N GLY B 78 3.03 -1.23 -26.78
CA GLY B 78 3.95 -1.03 -27.90
C GLY B 78 5.25 -1.77 -27.75
N GLY B 79 5.74 -1.84 -26.51
CA GLY B 79 6.91 -2.65 -26.18
C GLY B 79 6.66 -4.14 -26.36
N PHE B 80 5.46 -4.59 -25.96
CA PHE B 80 5.07 -6.00 -26.10
C PHE B 80 5.00 -6.39 -27.58
N LEU B 81 4.48 -5.47 -28.40
CA LEU B 81 4.41 -5.65 -29.85
C LEU B 81 5.79 -5.78 -30.49
N ALA B 82 6.69 -4.85 -30.17
CA ALA B 82 8.07 -4.89 -30.68
C ALA B 82 8.79 -6.16 -30.25
N PHE B 83 8.74 -6.48 -28.95
CA PHE B 83 9.41 -7.69 -28.48
C PHE B 83 8.91 -8.96 -29.19
N THR B 84 7.60 -9.18 -29.19
CA THR B 84 7.04 -10.41 -29.77
C THR B 84 7.17 -10.47 -31.31
N SER B 85 7.22 -9.30 -31.94
CA SER B 85 7.44 -9.23 -33.40
C SER B 85 8.75 -9.89 -33.80
N LEU B 86 9.78 -9.61 -33.02
CA LEU B 86 11.13 -10.09 -33.29
C LEU B 86 11.36 -11.52 -32.78
N TRP B 87 10.96 -11.77 -31.53
CA TRP B 87 11.33 -12.99 -30.82
C TRP B 87 10.14 -13.90 -30.45
N GLY B 88 8.91 -13.45 -30.72
CA GLY B 88 7.72 -14.22 -30.37
C GLY B 88 7.46 -14.30 -28.88
N PHE B 89 6.69 -15.30 -28.46
CA PHE B 89 6.46 -15.53 -27.04
C PHE B 89 7.63 -16.33 -26.44
N ASP B 90 8.68 -15.60 -26.05
CA ASP B 90 9.91 -16.20 -25.56
C ASP B 90 10.30 -15.61 -24.18
N PRO B 91 9.80 -16.22 -23.09
CA PRO B 91 10.10 -15.78 -21.73
C PRO B 91 11.59 -15.73 -21.41
N GLU B 92 12.35 -16.69 -21.95
CA GLU B 92 13.79 -16.79 -21.69
C GLU B 92 14.57 -15.63 -22.28
N ILE B 93 14.31 -15.32 -23.55
CA ILE B 93 14.91 -14.16 -24.23
C ILE B 93 14.44 -12.84 -23.60
N ALA B 94 13.19 -12.81 -23.15
CA ALA B 94 12.60 -11.62 -22.51
C ALA B 94 13.41 -11.09 -21.34
N LYS B 95 13.92 -11.99 -20.50
CA LYS B 95 14.74 -11.64 -19.33
C LYS B 95 16.10 -11.05 -19.70
N THR B 96 16.47 -11.15 -20.97
CA THR B 96 17.77 -10.66 -21.43
C THR B 96 17.61 -9.35 -22.21
N LYS B 97 16.38 -8.90 -22.38
CA LYS B 97 16.08 -7.70 -23.16
C LYS B 97 15.41 -6.60 -22.34
N ILE B 98 15.67 -5.36 -22.74
CA ILE B 98 15.02 -4.18 -22.16
C ILE B 98 14.40 -3.37 -23.30
N VAL B 99 13.14 -2.97 -23.13
CA VAL B 99 12.54 -1.97 -24.01
C VAL B 99 12.60 -0.64 -23.28
N TYR B 100 13.41 0.28 -23.80
CA TYR B 100 13.60 1.59 -23.19
C TYR B 100 13.00 2.69 -24.08
N PHE B 101 12.06 3.44 -23.51
CA PHE B 101 11.39 4.49 -24.26
C PHE B 101 12.15 5.82 -24.25
N MET B 102 12.48 6.29 -25.44
CA MET B 102 13.34 7.44 -25.64
C MET B 102 12.52 8.73 -25.72
N THR B 103 11.45 8.67 -26.50
CA THR B 103 10.65 9.86 -26.77
C THR B 103 9.17 9.53 -26.68
N ILE B 104 8.39 10.58 -26.47
CA ILE B 104 6.93 10.53 -26.55
C ILE B 104 6.52 11.84 -27.21
N ASP B 105 5.58 11.78 -28.15
CA ASP B 105 5.14 12.97 -28.88
C ASP B 105 3.67 12.86 -29.28
N LYS B 106 3.08 14.00 -29.62
CA LYS B 106 1.71 14.10 -30.15
C LYS B 106 0.65 13.50 -29.22
N VAL B 107 0.82 13.72 -27.91
CA VAL B 107 -0.12 13.21 -26.93
C VAL B 107 -1.28 14.18 -26.77
N LYS B 108 -2.50 13.67 -26.95
CA LYS B 108 -3.72 14.43 -26.70
C LYS B 108 -4.66 13.63 -25.82
N PHE B 109 -5.19 14.28 -24.78
CA PHE B 109 -6.23 13.67 -23.94
C PHE B 109 -7.57 14.30 -24.23
N ARG B 110 -8.54 13.47 -24.61
CA ARG B 110 -9.85 13.96 -25.03
C ARG B 110 -10.95 13.69 -23.99
N ILE B 111 -11.04 12.44 -23.53
CA ILE B 111 -12.07 12.04 -22.57
C ILE B 111 -11.41 11.47 -21.29
N PRO B 112 -11.92 11.87 -20.11
CA PRO B 112 -11.41 11.29 -18.86
C PRO B 112 -11.76 9.80 -18.73
N VAL B 113 -10.84 9.02 -18.16
CA VAL B 113 -11.06 7.59 -17.95
C VAL B 113 -11.36 7.35 -16.47
N THR B 114 -12.43 6.61 -16.19
CA THR B 114 -12.91 6.43 -14.83
C THR B 114 -13.09 4.96 -14.45
N PRO B 115 -13.22 4.65 -13.14
CA PRO B 115 -13.56 3.27 -12.75
C PRO B 115 -14.79 2.74 -13.50
N GLY B 116 -14.68 1.52 -14.05
CA GLY B 116 -15.76 0.95 -14.84
C GLY B 116 -15.43 0.88 -16.33
N ASP B 117 -14.49 1.71 -16.77
CA ASP B 117 -14.06 1.73 -18.16
C ASP B 117 -13.12 0.58 -18.48
N ARG B 118 -13.24 0.07 -19.70
CA ARG B 118 -12.27 -0.86 -20.25
C ARG B 118 -11.35 0.00 -21.13
N LEU B 119 -10.11 0.21 -20.66
CA LEU B 119 -9.15 1.08 -21.35
C LEU B 119 -8.35 0.29 -22.41
N GLU B 120 -8.74 0.53 -23.66
CA GLU B 120 -8.26 -0.24 -24.79
C GLU B 120 -7.15 0.49 -25.54
N TYR B 121 -6.03 -0.20 -25.75
CA TYR B 121 -4.87 0.37 -26.43
C TYR B 121 -4.78 -0.15 -27.87
N HIS B 122 -4.67 0.78 -28.82
CA HIS B 122 -4.50 0.48 -30.24
C HIS B 122 -3.22 1.13 -30.74
N LEU B 123 -2.18 0.32 -30.90
CA LEU B 123 -0.89 0.80 -31.40
C LEU B 123 -0.52 0.09 -32.70
N GLU B 124 -0.01 0.85 -33.65
CA GLU B 124 0.52 0.29 -34.88
C GLU B 124 2.01 0.64 -34.93
N VAL B 125 2.77 -0.11 -35.71
CA VAL B 125 4.18 0.25 -35.95
C VAL B 125 4.23 1.33 -37.05
N LEU B 126 4.73 2.50 -36.69
CA LEU B 126 4.88 3.59 -37.65
C LEU B 126 6.14 3.35 -38.47
N LYS B 127 7.24 3.08 -37.79
CA LYS B 127 8.46 2.63 -38.46
C LYS B 127 9.40 1.91 -37.49
N HIS B 128 10.27 1.08 -38.05
CA HIS B 128 11.30 0.42 -37.27
C HIS B 128 12.57 0.29 -38.10
N LYS B 129 13.70 0.42 -37.43
CA LYS B 129 15.00 0.18 -38.04
C LYS B 129 15.90 -0.41 -36.96
N GLY B 130 16.29 -1.67 -37.15
CA GLY B 130 17.04 -2.41 -36.16
C GLY B 130 16.25 -2.57 -34.87
N MET B 131 16.76 -1.97 -33.81
CA MET B 131 16.20 -2.09 -32.46
C MET B 131 15.41 -0.85 -32.07
N ILE B 132 15.31 0.12 -32.98
CA ILE B 132 14.54 1.34 -32.75
C ILE B 132 13.18 1.19 -33.38
N TRP B 133 12.15 1.23 -32.54
CA TRP B 133 10.77 1.03 -32.98
C TRP B 133 9.94 2.26 -32.62
N GLN B 134 9.22 2.77 -33.62
CA GLN B 134 8.29 3.87 -33.41
C GLN B 134 6.86 3.35 -33.56
N VAL B 135 6.08 3.49 -32.49
CA VAL B 135 4.68 3.09 -32.50
C VAL B 135 3.81 4.31 -32.20
N GLY B 136 2.52 4.21 -32.54
CA GLY B 136 1.57 5.28 -32.27
C GLY B 136 0.17 4.76 -32.43
N GLY B 137 -0.77 5.47 -31.85
CA GLY B 137 -2.18 5.11 -31.94
C GLY B 137 -3.03 5.79 -30.89
N THR B 138 -4.06 5.09 -30.42
CA THR B 138 -5.03 5.66 -29.50
C THR B 138 -5.27 4.80 -28.26
N ALA B 139 -5.81 5.43 -27.23
CA ALA B 139 -6.51 4.74 -26.16
C ALA B 139 -8.00 5.00 -26.39
N GLN B 140 -8.80 3.93 -26.32
CA GLN B 140 -10.22 3.99 -26.61
C GLN B 140 -11.03 3.37 -25.48
N VAL B 141 -12.17 3.99 -25.20
CA VAL B 141 -13.14 3.45 -24.26
C VAL B 141 -14.49 3.36 -24.96
N ASP B 142 -15.03 2.14 -25.05
CA ASP B 142 -16.31 1.87 -25.68
C ASP B 142 -16.47 2.57 -27.06
N GLY B 143 -15.47 2.41 -27.92
CA GLY B 143 -15.50 2.96 -29.27
C GLY B 143 -14.88 4.34 -29.44
N LYS B 144 -15.01 5.19 -28.42
CA LYS B 144 -14.51 6.56 -28.47
C LYS B 144 -13.00 6.65 -28.22
N VAL B 145 -12.35 7.59 -28.88
CA VAL B 145 -10.93 7.88 -28.62
C VAL B 145 -10.81 8.78 -27.39
N VAL B 146 -10.11 8.29 -26.38
CA VAL B 146 -9.90 9.07 -25.15
C VAL B 146 -8.50 9.70 -25.08
N ALA B 147 -7.58 9.15 -25.87
CA ALA B 147 -6.18 9.63 -25.92
C ALA B 147 -5.48 9.16 -27.18
N GLU B 148 -4.51 9.94 -27.63
CA GLU B 148 -3.60 9.54 -28.71
C GLU B 148 -2.16 9.86 -28.32
N ALA B 149 -1.20 9.19 -28.95
CA ALA B 149 0.21 9.32 -28.60
C ALA B 149 1.10 8.61 -29.62
N GLU B 150 2.28 9.17 -29.85
CA GLU B 150 3.33 8.49 -30.60
C GLU B 150 4.51 8.27 -29.65
N LEU B 151 5.21 7.16 -29.85
CA LEU B 151 6.21 6.67 -28.92
C LEU B 151 7.35 6.03 -29.70
N LYS B 152 8.58 6.32 -29.30
CA LYS B 152 9.75 5.68 -29.89
C LYS B 152 10.55 4.94 -28.80
N ALA B 153 10.83 3.67 -29.06
CA ALA B 153 11.49 2.79 -28.10
C ALA B 153 12.77 2.20 -28.67
N MET B 154 13.71 1.90 -27.77
CA MET B 154 14.90 1.15 -28.15
C MET B 154 14.97 -0.17 -27.39
N ILE B 155 15.14 -1.26 -28.14
CA ILE B 155 15.35 -2.56 -27.52
C ILE B 155 16.86 -2.78 -27.30
N ALA B 156 17.21 -3.18 -26.08
CA ALA B 156 18.60 -3.36 -25.71
C ALA B 156 18.77 -4.60 -24.83
N GLU B 157 20.02 -5.00 -24.61
CA GLU B 157 20.34 -6.10 -23.70
C GLU B 157 20.18 -5.67 -22.24
N ARG B 158 19.54 -6.52 -21.43
CA ARG B 158 19.48 -6.34 -19.98
C ARG B 158 20.92 -6.28 -19.47
N GLU B 159 21.23 -5.24 -18.71
CA GLU B 159 22.62 -4.94 -18.31
C GLU B 159 23.37 -6.16 -17.72
N SER C 10 -11.01 3.88 32.40
CA SER C 10 -10.54 2.46 32.50
C SER C 10 -10.17 1.84 31.14
N GLN C 11 -11.20 1.38 30.40
CA GLN C 11 -11.00 0.70 29.10
C GLN C 11 -11.37 1.57 27.89
N PHE C 12 -10.40 1.78 27.00
CA PHE C 12 -10.61 2.54 25.78
C PHE C 12 -10.38 1.66 24.56
N PHE C 13 -11.33 1.67 23.65
CA PHE C 13 -11.24 0.87 22.43
C PHE C 13 -10.74 1.72 21.27
N ILE C 14 -10.69 1.13 20.07
CA ILE C 14 -10.07 1.79 18.92
C ILE C 14 -10.78 3.08 18.51
N GLU C 15 -12.11 3.10 18.58
CA GLU C 15 -12.92 4.32 18.39
C GLU C 15 -12.48 5.48 19.29
N HIS C 16 -12.21 5.16 20.55
CA HIS C 16 -11.77 6.13 21.54
C HIS C 16 -10.35 6.62 21.31
N ILE C 17 -9.45 5.70 20.94
CA ILE C 17 -8.04 5.99 20.66
C ILE C 17 -7.92 6.92 19.44
N LEU C 18 -8.75 6.68 18.43
CA LEU C 18 -8.77 7.47 17.21
C LEU C 18 -9.20 8.93 17.44
N GLN C 19 -10.02 9.16 18.46
CA GLN C 19 -10.49 10.49 18.80
C GLN C 19 -9.46 11.30 19.63
N ILE C 20 -8.48 10.61 20.21
CA ILE C 20 -7.47 11.26 21.04
C ILE C 20 -6.11 11.44 20.34
N LEU C 21 -5.66 10.37 19.67
CA LEU C 21 -4.40 10.40 18.94
C LEU C 21 -4.64 10.85 17.49
N PRO C 22 -3.76 11.72 16.97
CA PRO C 22 -3.82 12.16 15.58
C PRO C 22 -3.27 11.11 14.61
N HIS C 23 -2.55 10.12 15.16
CA HIS C 23 -1.96 9.02 14.39
C HIS C 23 -3.00 8.23 13.64
N ARG C 24 -2.64 7.82 12.43
CA ARG C 24 -3.52 7.09 11.53
C ARG C 24 -2.72 6.02 10.82
N TYR C 25 -3.37 5.19 10.02
CA TYR C 25 -2.69 4.17 9.24
C TYR C 25 -1.61 4.80 8.34
N PRO C 26 -0.42 4.19 8.24
CA PRO C 26 0.09 3.01 8.95
C PRO C 26 0.92 3.29 10.22
N MET C 27 0.56 4.33 10.99
CA MET C 27 1.36 4.72 12.15
C MET C 27 0.62 4.79 13.49
N LEU C 28 -0.59 4.24 13.51
CA LEU C 28 -1.35 4.08 14.74
C LEU C 28 -1.12 2.67 15.29
N LEU C 29 -0.35 2.59 16.38
CA LEU C 29 0.22 1.33 16.84
C LEU C 29 -0.21 0.96 18.26
N VAL C 30 -1.44 1.36 18.58
CA VAL C 30 -2.11 1.01 19.82
C VAL C 30 -3.55 0.63 19.45
N ASP C 31 -3.95 -0.60 19.75
CA ASP C 31 -5.28 -1.10 19.41
C ASP C 31 -6.32 -0.95 20.52
N ARG C 32 -5.87 -1.00 21.78
CA ARG C 32 -6.77 -0.99 22.93
C ARG C 32 -6.03 -0.60 24.20
N ILE C 33 -6.71 0.17 25.07
CA ILE C 33 -6.21 0.49 26.42
C ILE C 33 -6.98 -0.34 27.44
N THR C 34 -6.26 -1.09 28.27
CA THR C 34 -6.87 -1.97 29.26
C THR C 34 -6.81 -1.44 30.70
N GLU C 35 -5.81 -0.60 30.97
CA GLU C 35 -5.66 0.08 32.26
C GLU C 35 -5.17 1.50 32.08
N LEU C 36 -5.82 2.43 32.76
CA LEU C 36 -5.42 3.82 32.75
C LEU C 36 -5.64 4.45 34.12
N GLN C 37 -4.56 5.00 34.67
CA GLN C 37 -4.56 5.59 36.00
C GLN C 37 -3.96 6.98 35.87
N ALA C 38 -4.82 7.99 35.89
CA ALA C 38 -4.41 9.37 35.71
C ALA C 38 -3.13 9.71 36.50
N ASN C 39 -2.14 10.23 35.79
CA ASN C 39 -0.87 10.69 36.36
C ASN C 39 0.09 9.60 36.84
N GLN C 40 -0.30 8.35 36.70
CA GLN C 40 0.51 7.24 37.20
C GLN C 40 0.92 6.23 36.14
N LYS C 41 -0.05 5.58 35.50
CA LYS C 41 0.27 4.48 34.59
C LYS C 41 -0.78 4.10 33.54
N ILE C 42 -0.30 3.49 32.46
CA ILE C 42 -1.15 2.99 31.39
C ILE C 42 -0.73 1.57 31.01
N VAL C 43 -1.72 0.68 30.87
CA VAL C 43 -1.53 -0.61 30.20
C VAL C 43 -2.37 -0.62 28.92
N ALA C 44 -1.70 -0.87 27.79
CA ALA C 44 -2.34 -0.85 26.49
C ALA C 44 -1.71 -1.93 25.64
N TYR C 45 -2.28 -2.21 24.47
CA TYR C 45 -1.67 -3.18 23.58
C TYR C 45 -1.94 -2.99 22.10
N LYS C 46 -1.08 -3.63 21.30
CA LYS C 46 -1.24 -3.72 19.86
C LYS C 46 -1.11 -5.19 19.47
N ASN C 47 -2.10 -5.70 18.74
CA ASN C 47 -2.00 -7.01 18.12
C ASN C 47 -1.02 -7.02 16.94
N ILE C 48 -0.17 -8.02 16.90
CA ILE C 48 0.78 -8.22 15.80
C ILE C 48 0.25 -9.33 14.89
N THR C 49 0.11 -9.02 13.61
CA THR C 49 -0.43 -9.94 12.62
C THR C 49 0.43 -9.92 11.36
N PHE C 50 0.47 -11.02 10.60
CA PHE C 50 1.23 -11.04 9.35
C PHE C 50 0.69 -10.01 8.34
N ASN C 51 -0.61 -9.78 8.37
CA ASN C 51 -1.32 -8.88 7.48
C ASN C 51 -1.05 -7.39 7.73
N GLU C 52 0.20 -7.07 8.04
CA GLU C 52 0.66 -5.70 8.15
C GLU C 52 1.70 -5.47 7.06
N ASP C 53 1.69 -4.28 6.48
CA ASP C 53 2.58 -3.92 5.37
C ASP C 53 4.06 -3.98 5.75
N VAL C 54 4.42 -3.49 6.95
CA VAL C 54 5.80 -3.59 7.46
C VAL C 54 6.49 -4.93 7.24
N PHE C 55 5.72 -6.02 7.34
CA PHE C 55 6.28 -7.36 7.23
C PHE C 55 6.70 -7.74 5.80
N ASN C 56 6.24 -6.96 4.82
CA ASN C 56 6.76 -7.09 3.45
C ASN C 56 8.26 -6.88 3.36
N GLY C 57 8.80 -5.99 4.20
CA GLY C 57 10.21 -5.65 4.16
C GLY C 57 11.04 -5.88 5.41
N HIS C 58 10.42 -6.46 6.44
CA HIS C 58 11.09 -6.64 7.71
C HIS C 58 10.67 -7.97 8.37
N PHE C 59 11.23 -9.10 7.94
CA PHE C 59 12.07 -9.23 6.75
C PHE C 59 11.39 -10.25 5.83
N PRO C 60 11.70 -10.24 4.52
CA PRO C 60 11.14 -11.32 3.68
C PRO C 60 11.49 -12.71 4.22
N ASN C 61 10.48 -13.59 4.30
CA ASN C 61 10.61 -14.96 4.87
C ASN C 61 10.99 -15.04 6.35
N LYS C 62 11.12 -13.89 7.00
CA LYS C 62 11.34 -13.83 8.45
C LYS C 62 10.65 -12.60 9.08
N PRO C 63 9.32 -12.69 9.28
CA PRO C 63 8.58 -11.55 9.86
C PRO C 63 8.93 -11.26 11.33
N ILE C 64 9.49 -10.08 11.54
CA ILE C 64 9.88 -9.59 12.87
C ILE C 64 9.42 -8.14 12.98
N PHE C 65 8.51 -7.88 13.94
CA PHE C 65 8.02 -6.53 14.21
C PHE C 65 9.20 -5.65 14.62
N PRO C 66 9.41 -4.54 13.89
CA PRO C 66 10.56 -3.67 14.14
C PRO C 66 10.61 -3.13 15.58
N GLY C 67 11.79 -3.24 16.19
CA GLY C 67 12.03 -2.72 17.54
C GLY C 67 11.63 -1.27 17.70
N VAL C 68 11.97 -0.44 16.70
CA VAL C 68 11.65 0.98 16.72
C VAL C 68 10.14 1.27 16.76
N LEU C 69 9.34 0.35 16.20
CA LEU C 69 7.88 0.50 16.22
C LEU C 69 7.26 0.07 17.56
N ILE C 70 7.94 -0.83 18.27
CA ILE C 70 7.62 -1.12 19.68
C ILE C 70 7.81 0.16 20.50
N VAL C 71 8.97 0.79 20.37
CA VAL C 71 9.26 2.06 21.03
C VAL C 71 8.26 3.16 20.66
N GLU C 72 7.84 3.19 19.39
CA GLU C 72 6.80 4.13 18.95
C GLU C 72 5.44 3.85 19.61
N GLY C 73 5.04 2.59 19.65
CA GLY C 73 3.79 2.18 20.30
C GLY C 73 3.77 2.50 21.78
N MET C 74 4.94 2.36 22.40
CA MET C 74 5.18 2.81 23.78
C MET C 74 5.06 4.33 23.94
N ALA C 75 5.58 5.08 22.96
CA ALA C 75 5.41 6.54 22.92
C ALA C 75 3.93 6.94 22.80
N GLN C 76 3.20 6.24 21.94
CA GLN C 76 1.78 6.52 21.74
C GLN C 76 0.95 6.25 23.00
N SER C 77 1.34 5.24 23.77
CA SER C 77 0.70 4.93 25.06
C SER C 77 1.02 6.01 26.12
N GLY C 78 2.28 6.43 26.21
CA GLY C 78 2.69 7.53 27.09
C GLY C 78 1.96 8.83 26.79
N GLY C 79 1.81 9.15 25.50
CA GLY C 79 1.07 10.34 25.06
C GLY C 79 -0.42 10.29 25.36
N PHE C 80 -1.04 9.12 25.21
CA PHE C 80 -2.45 8.96 25.57
C PHE C 80 -2.65 9.13 27.09
N LEU C 81 -1.73 8.58 27.87
CA LEU C 81 -1.72 8.75 29.31
C LEU C 81 -1.57 10.23 29.71
N ALA C 82 -0.55 10.89 29.17
CA ALA C 82 -0.32 12.31 29.45
C ALA C 82 -1.55 13.14 29.11
N PHE C 83 -2.10 12.94 27.91
CA PHE C 83 -3.28 13.71 27.49
C PHE C 83 -4.48 13.48 28.40
N THR C 84 -4.83 12.22 28.64
CA THR C 84 -6.03 11.89 29.43
C THR C 84 -5.87 12.26 30.90
N SER C 85 -4.63 12.30 31.38
CA SER C 85 -4.32 12.80 32.72
C SER C 85 -4.65 14.28 32.86
N LEU C 86 -4.35 15.05 31.81
CA LEU C 86 -4.56 16.49 31.79
C LEU C 86 -6.00 16.93 31.50
N TRP C 87 -6.68 16.22 30.58
CA TRP C 87 -8.01 16.65 30.11
C TRP C 87 -9.07 15.56 30.10
N GLY C 88 -8.69 14.34 30.46
CA GLY C 88 -9.60 13.18 30.35
C GLY C 88 -9.91 12.85 28.90
N PHE C 89 -10.95 12.05 28.69
CA PHE C 89 -11.42 11.77 27.33
C PHE C 89 -12.13 12.99 26.75
N ASP C 90 -11.36 13.83 26.06
CA ASP C 90 -11.87 15.05 25.44
C ASP C 90 -11.41 15.16 23.97
N PRO C 91 -12.20 14.59 23.03
CA PRO C 91 -11.81 14.64 21.61
C PRO C 91 -11.62 16.06 21.07
N GLU C 92 -12.42 17.01 21.55
CA GLU C 92 -12.37 18.40 21.08
C GLU C 92 -11.05 19.11 21.42
N ILE C 93 -10.59 18.94 22.65
CA ILE C 93 -9.30 19.46 23.08
C ILE C 93 -8.15 18.68 22.43
N ALA C 94 -8.34 17.37 22.21
CA ALA C 94 -7.31 16.53 21.58
C ALA C 94 -6.83 17.08 20.25
N LYS C 95 -7.77 17.57 19.44
CA LYS C 95 -7.49 18.20 18.14
C LYS C 95 -6.57 19.43 18.20
N THR C 96 -6.44 20.02 19.40
CA THR C 96 -5.68 21.26 19.59
C THR C 96 -4.29 21.06 20.22
N LYS C 97 -3.92 19.80 20.47
CA LYS C 97 -2.70 19.46 21.20
C LYS C 97 -1.72 18.64 20.38
N ILE C 98 -0.44 18.81 20.65
CA ILE C 98 0.59 17.90 20.17
C ILE C 98 1.44 17.45 21.35
N VAL C 99 1.81 16.18 21.33
CA VAL C 99 2.78 15.64 22.28
C VAL C 99 4.08 15.38 21.50
N TYR C 100 5.04 16.29 21.62
CA TYR C 100 6.30 16.19 20.89
C TYR C 100 7.31 15.37 21.72
N PHE C 101 7.79 14.28 21.16
CA PHE C 101 8.77 13.43 21.84
C PHE C 101 10.18 13.89 21.57
N MET C 102 10.88 14.22 22.66
CA MET C 102 12.17 14.89 22.60
C MET C 102 13.33 13.90 22.69
N THR C 103 13.22 12.96 23.62
CA THR C 103 14.29 11.98 23.85
C THR C 103 13.77 10.56 24.01
N ILE C 104 14.65 9.60 23.70
CA ILE C 104 14.43 8.17 23.95
C ILE C 104 15.72 7.66 24.58
N ASP C 105 15.59 6.86 25.63
CA ASP C 105 16.73 6.45 26.44
C ASP C 105 16.52 5.07 27.01
N LYS C 106 17.63 4.39 27.33
CA LYS C 106 17.62 3.11 28.05
C LYS C 106 16.72 2.05 27.42
N VAL C 107 16.80 1.91 26.11
CA VAL C 107 16.01 0.90 25.43
C VAL C 107 16.81 -0.36 25.16
N LYS C 108 16.21 -1.49 25.52
CA LYS C 108 16.83 -2.79 25.35
C LYS C 108 15.80 -3.72 24.77
N PHE C 109 16.20 -4.48 23.75
CA PHE C 109 15.34 -5.48 23.13
C PHE C 109 15.81 -6.87 23.51
N ARG C 110 14.90 -7.68 24.06
CA ARG C 110 15.29 -8.95 24.66
C ARG C 110 14.75 -10.15 23.89
N ILE C 111 13.49 -10.07 23.47
CA ILE C 111 12.81 -11.13 22.73
C ILE C 111 12.17 -10.52 21.48
N PRO C 112 12.40 -11.12 20.29
CA PRO C 112 11.75 -10.60 19.07
C PRO C 112 10.22 -10.70 19.09
N VAL C 113 9.57 -9.77 18.41
CA VAL C 113 8.10 -9.75 18.32
C VAL C 113 7.67 -10.21 16.93
N THR C 114 6.74 -11.15 16.88
CA THR C 114 6.36 -11.78 15.62
C THR C 114 4.84 -11.84 15.45
N PRO C 115 4.34 -12.03 14.21
CA PRO C 115 2.91 -12.24 13.98
C PRO C 115 2.28 -13.27 14.95
N GLY C 116 1.13 -12.91 15.52
CA GLY C 116 0.45 -13.76 16.49
C GLY C 116 0.69 -13.32 17.94
N ASP C 117 1.58 -12.34 18.13
CA ASP C 117 1.91 -11.81 19.45
C ASP C 117 0.99 -10.66 19.83
N ARG C 118 0.61 -10.63 21.11
CA ARG C 118 -0.15 -9.54 21.68
C ARG C 118 0.85 -8.63 22.40
N LEU C 119 1.12 -7.47 21.81
CA LEU C 119 2.19 -6.61 22.30
C LEU C 119 1.69 -5.58 23.29
N GLU C 120 1.99 -5.82 24.57
CA GLU C 120 1.42 -5.07 25.68
C GLU C 120 2.39 -4.00 26.18
N TYR C 121 1.96 -2.74 26.07
CA TYR C 121 2.75 -1.62 26.57
C TYR C 121 2.44 -1.33 28.04
N HIS C 122 3.48 -1.34 28.86
CA HIS C 122 3.36 -0.96 30.28
C HIS C 122 4.19 0.30 30.51
N LEU C 123 3.50 1.41 30.75
CA LEU C 123 4.15 2.70 30.95
C LEU C 123 3.66 3.40 32.19
N GLU C 124 4.61 3.97 32.95
CA GLU C 124 4.33 4.74 34.15
C GLU C 124 4.95 6.14 34.01
N VAL C 125 4.35 7.12 34.70
CA VAL C 125 4.93 8.46 34.75
C VAL C 125 6.12 8.46 35.71
N LEU C 126 7.28 8.83 35.20
CA LEU C 126 8.49 8.94 36.01
C LEU C 126 8.67 10.35 36.52
N LYS C 127 8.24 11.32 35.72
CA LYS C 127 8.46 12.74 36.00
C LYS C 127 7.48 13.56 35.18
N HIS C 128 6.73 14.44 35.84
CA HIS C 128 5.94 15.45 35.16
C HIS C 128 6.22 16.83 35.77
N LYS C 129 6.79 17.72 34.96
CA LYS C 129 7.14 19.06 35.39
C LYS C 129 6.76 20.08 34.32
N GLY C 130 5.65 20.76 34.52
CA GLY C 130 5.13 21.73 33.56
C GLY C 130 4.62 21.00 32.33
N MET C 131 5.14 21.39 31.17
CA MET C 131 4.71 20.83 29.88
C MET C 131 5.43 19.53 29.56
N ILE C 132 6.47 19.22 30.35
CA ILE C 132 7.34 18.06 30.14
C ILE C 132 6.86 16.82 30.89
N TRP C 133 6.70 15.72 30.15
CA TRP C 133 6.38 14.42 30.73
C TRP C 133 7.51 13.43 30.48
N GLN C 134 7.92 12.74 31.53
CA GLN C 134 8.89 11.67 31.40
C GLN C 134 8.24 10.38 31.84
N VAL C 135 8.22 9.41 30.93
CA VAL C 135 7.50 8.16 31.10
C VAL C 135 8.45 7.00 30.76
N GLY C 136 8.26 5.86 31.42
CA GLY C 136 9.12 4.70 31.23
C GLY C 136 8.39 3.40 31.49
N GLY C 137 8.95 2.30 31.01
CA GLY C 137 8.35 0.99 31.25
C GLY C 137 8.77 -0.08 30.27
N THR C 138 7.87 -1.01 30.00
CA THR C 138 8.19 -2.18 29.20
C THR C 138 7.15 -2.48 28.14
N ALA C 139 7.57 -3.26 27.14
CA ALA C 139 6.63 -3.98 26.29
C ALA C 139 6.71 -5.46 26.66
N GLN C 140 5.56 -6.12 26.67
CA GLN C 140 5.48 -7.50 27.12
C GLN C 140 4.64 -8.36 26.20
N VAL C 141 5.09 -9.60 26.03
CA VAL C 141 4.32 -10.59 25.28
C VAL C 141 4.19 -11.80 26.20
N ASP C 142 2.96 -12.10 26.60
CA ASP C 142 2.66 -13.26 27.44
C ASP C 142 3.36 -13.21 28.83
N GLY C 143 3.36 -12.02 29.44
CA GLY C 143 3.97 -11.82 30.75
C GLY C 143 5.49 -11.66 30.76
N LYS C 144 6.11 -11.81 29.59
CA LYS C 144 7.57 -11.68 29.44
C LYS C 144 7.96 -10.30 28.88
N VAL C 145 8.98 -9.69 29.48
CA VAL C 145 9.53 -8.41 28.99
C VAL C 145 10.30 -8.63 27.67
N VAL C 146 9.82 -8.00 26.62
CA VAL C 146 10.46 -8.11 25.30
C VAL C 146 11.26 -6.86 24.97
N ALA C 147 10.84 -5.73 25.56
CA ALA C 147 11.52 -4.45 25.38
C ALA C 147 11.29 -3.55 26.60
N GLU C 148 12.24 -2.65 26.82
CA GLU C 148 12.09 -1.58 27.81
C GLU C 148 12.58 -0.29 27.19
N ALA C 149 12.09 0.84 27.70
CA ALA C 149 12.43 2.16 27.17
C ALA C 149 12.03 3.26 28.12
N GLU C 150 12.76 4.36 28.06
CA GLU C 150 12.39 5.60 28.72
C GLU C 150 12.22 6.66 27.66
N LEU C 151 11.23 7.52 27.84
CA LEU C 151 10.83 8.51 26.84
C LEU C 151 10.48 9.82 27.52
N LYS C 152 10.76 10.93 26.83
CA LYS C 152 10.44 12.25 27.33
C LYS C 152 9.74 13.06 26.25
N ALA C 153 8.66 13.74 26.65
CA ALA C 153 7.79 14.44 25.71
C ALA C 153 7.39 15.81 26.22
N MET C 154 7.10 16.72 25.30
CA MET C 154 6.58 18.04 25.63
C MET C 154 5.16 18.20 25.09
N ILE C 155 4.25 18.67 25.95
CA ILE C 155 2.89 19.01 25.53
C ILE C 155 2.92 20.43 24.96
N ALA C 156 2.27 20.62 23.82
CA ALA C 156 2.21 21.93 23.18
C ALA C 156 0.87 22.10 22.46
N GLU C 157 0.68 23.28 21.87
CA GLU C 157 -0.50 23.57 21.07
C GLU C 157 -0.27 23.24 19.60
N ARG C 158 -1.25 22.56 18.99
CA ARG C 158 -1.21 22.25 17.56
C ARG C 158 -1.32 23.54 16.75
N GLU C 159 -0.64 23.56 15.61
CA GLU C 159 -0.55 24.75 14.78
C GLU C 159 -0.56 24.42 13.29
N LEU D 8 37.41 -2.33 -1.43
CA LEU D 8 36.09 -1.80 -0.95
C LEU D 8 35.95 -0.31 -1.25
N GLN D 9 34.98 0.02 -2.11
CA GLN D 9 34.71 1.40 -2.51
C GLN D 9 34.09 2.23 -1.38
N SER D 10 33.86 3.51 -1.65
CA SER D 10 33.33 4.44 -0.64
C SER D 10 31.90 4.91 -0.96
N GLN D 11 31.54 4.87 -2.24
CA GLN D 11 30.19 5.19 -2.70
C GLN D 11 29.42 3.91 -3.10
N PHE D 12 28.22 3.76 -2.53
CA PHE D 12 27.34 2.63 -2.84
C PHE D 12 25.96 3.17 -3.18
N PHE D 13 25.34 2.57 -4.20
CA PHE D 13 24.05 3.04 -4.67
C PHE D 13 22.99 2.03 -4.26
N ILE D 14 21.72 2.37 -4.51
CA ILE D 14 20.60 1.52 -4.08
C ILE D 14 20.76 0.04 -4.49
N GLU D 15 21.24 -0.21 -5.70
CA GLU D 15 21.43 -1.59 -6.17
C GLU D 15 22.49 -2.37 -5.36
N HIS D 16 23.45 -1.63 -4.79
CA HIS D 16 24.47 -2.22 -3.92
C HIS D 16 23.92 -2.49 -2.52
N ILE D 17 23.11 -1.55 -2.03
CA ILE D 17 22.49 -1.65 -0.70
C ILE D 17 21.50 -2.82 -0.60
N LEU D 18 20.69 -3.01 -1.65
CA LEU D 18 19.81 -4.17 -1.78
C LEU D 18 20.54 -5.50 -1.60
N GLN D 19 21.73 -5.60 -2.17
CA GLN D 19 22.53 -6.82 -2.14
C GLN D 19 23.14 -7.09 -0.76
N ILE D 20 23.30 -6.04 0.05
CA ILE D 20 23.87 -6.17 1.39
C ILE D 20 22.83 -6.23 2.50
N LEU D 21 21.87 -5.30 2.51
CA LEU D 21 20.87 -5.26 3.59
C LEU D 21 19.66 -6.13 3.26
N PRO D 22 19.15 -6.88 4.26
CA PRO D 22 17.99 -7.75 4.03
C PRO D 22 16.66 -6.98 4.05
N HIS D 23 16.72 -5.71 4.42
CA HIS D 23 15.56 -4.83 4.48
C HIS D 23 14.99 -4.59 3.09
N ARG D 24 13.67 -4.63 3.00
CA ARG D 24 12.94 -4.31 1.78
C ARG D 24 11.80 -3.35 2.11
N TYR D 25 11.03 -2.97 1.08
CA TYR D 25 9.92 -2.02 1.24
C TYR D 25 8.85 -2.60 2.21
N PRO D 26 8.30 -1.76 3.13
CA PRO D 26 8.54 -0.35 3.39
C PRO D 26 9.52 -0.06 4.55
N MET D 27 10.60 -0.83 4.63
CA MET D 27 11.52 -0.74 5.76
C MET D 27 12.99 -0.62 5.39
N LEU D 28 13.27 -0.39 4.11
CA LEU D 28 14.62 -0.04 3.68
C LEU D 28 14.68 1.48 3.59
N LEU D 29 15.45 2.07 4.51
CA LEU D 29 15.39 3.50 4.80
C LEU D 29 16.76 4.14 4.62
N VAL D 30 17.54 3.56 3.71
CA VAL D 30 18.81 4.12 3.28
C VAL D 30 18.81 4.03 1.76
N ASP D 31 19.09 5.15 1.09
CA ASP D 31 19.02 5.21 -0.36
C ASP D 31 20.39 5.16 -1.00
N ARG D 32 21.38 5.77 -0.35
CA ARG D 32 22.72 5.90 -0.90
C ARG D 32 23.77 6.02 0.20
N ILE D 33 24.93 5.39 -0.02
CA ILE D 33 26.10 5.55 0.83
C ILE D 33 27.11 6.46 0.13
N THR D 34 27.54 7.51 0.82
CA THR D 34 28.42 8.52 0.21
C THR D 34 29.88 8.43 0.71
N GLU D 35 30.06 7.87 1.91
CA GLU D 35 31.35 7.82 2.56
C GLU D 35 31.38 6.61 3.50
N LEU D 36 32.49 5.88 3.48
CA LEU D 36 32.63 4.67 4.28
C LEU D 36 34.09 4.33 4.60
N GLN D 37 34.42 4.32 5.89
CA GLN D 37 35.73 3.89 6.39
C GLN D 37 35.51 2.65 7.22
N ALA D 38 36.04 1.52 6.75
CA ALA D 38 35.89 0.25 7.45
C ALA D 38 36.24 0.37 8.93
N ASN D 39 35.35 -0.14 9.79
CA ASN D 39 35.52 -0.19 11.25
C ASN D 39 35.51 1.18 11.94
N GLN D 40 35.25 2.24 11.18
CA GLN D 40 35.35 3.59 11.70
C GLN D 40 34.07 4.43 11.52
N LYS D 41 33.68 4.68 10.27
CA LYS D 41 32.58 5.60 10.02
C LYS D 41 31.82 5.41 8.70
N ILE D 42 30.58 5.83 8.71
CA ILE D 42 29.74 5.83 7.52
C ILE D 42 28.96 7.14 7.44
N VAL D 43 28.88 7.68 6.22
CA VAL D 43 27.91 8.72 5.91
C VAL D 43 27.00 8.13 4.83
N ALA D 44 25.70 8.14 5.10
CA ALA D 44 24.69 7.69 4.15
C ALA D 44 23.54 8.70 4.15
N TYR D 45 22.55 8.50 3.30
CA TYR D 45 21.34 9.32 3.39
C TYR D 45 20.09 8.63 2.88
N LYS D 46 18.95 9.16 3.30
CA LYS D 46 17.66 8.79 2.76
C LYS D 46 16.95 10.05 2.29
N ASN D 47 16.44 10.02 1.06
CA ASN D 47 15.60 11.11 0.57
C ASN D 47 14.21 11.02 1.19
N ILE D 48 13.69 12.15 1.66
CA ILE D 48 12.34 12.21 2.21
C ILE D 48 11.39 12.82 1.18
N THR D 49 10.33 12.08 0.86
CA THR D 49 9.33 12.54 -0.12
C THR D 49 7.91 12.38 0.42
N PHE D 50 7.00 13.24 -0.01
CA PHE D 50 5.58 13.08 0.34
C PHE D 50 5.04 11.72 -0.13
N ASN D 51 5.62 11.20 -1.22
CA ASN D 51 5.16 9.96 -1.84
C ASN D 51 5.57 8.69 -1.08
N GLU D 52 5.54 8.77 0.25
CA GLU D 52 5.81 7.62 1.10
C GLU D 52 4.57 7.33 1.92
N ASP D 53 4.20 6.05 1.98
CA ASP D 53 2.94 5.60 2.60
C ASP D 53 2.79 6.06 4.05
N VAL D 54 3.91 6.03 4.78
CA VAL D 54 4.00 6.45 6.17
C VAL D 54 3.37 7.82 6.48
N PHE D 55 3.43 8.74 5.52
CA PHE D 55 2.88 10.08 5.69
C PHE D 55 1.36 10.13 5.68
N ASN D 56 0.72 9.05 5.23
CA ASN D 56 -0.73 8.93 5.35
C ASN D 56 -1.20 8.98 6.80
N GLY D 57 -0.36 8.47 7.71
CA GLY D 57 -0.71 8.41 9.12
C GLY D 57 0.05 9.30 10.08
N HIS D 58 1.03 10.03 9.57
CA HIS D 58 1.97 10.73 10.42
C HIS D 58 2.41 12.10 9.84
N PHE D 59 1.50 13.08 9.80
CA PHE D 59 0.10 12.96 10.22
C PHE D 59 -0.78 13.52 9.09
N PRO D 60 -2.09 13.18 9.09
CA PRO D 60 -2.99 13.81 8.11
C PRO D 60 -2.80 15.33 8.09
N ASN D 61 -2.65 15.88 6.87
CA ASN D 61 -2.41 17.32 6.64
C ASN D 61 -1.11 17.91 7.21
N LYS D 62 -0.28 17.08 7.85
CA LYS D 62 0.96 17.54 8.46
C LYS D 62 2.06 16.46 8.41
N PRO D 63 2.71 16.28 7.23
CA PRO D 63 3.72 15.23 7.08
C PRO D 63 5.03 15.45 7.86
N ILE D 64 5.28 14.56 8.82
CA ILE D 64 6.49 14.59 9.65
C ILE D 64 7.08 13.20 9.61
N PHE D 65 8.31 13.07 9.11
CA PHE D 65 9.00 11.78 9.13
C PHE D 65 9.21 11.33 10.58
N PRO D 66 8.66 10.14 10.93
CA PRO D 66 8.73 9.63 12.32
C PRO D 66 10.14 9.55 12.86
N GLY D 67 10.33 10.04 14.07
CA GLY D 67 11.62 10.04 14.76
C GLY D 67 12.21 8.64 14.90
N VAL D 68 11.36 7.67 15.20
CA VAL D 68 11.81 6.28 15.37
C VAL D 68 12.38 5.69 14.08
N LEU D 69 11.93 6.22 12.94
CA LEU D 69 12.39 5.79 11.63
C LEU D 69 13.70 6.45 11.24
N ILE D 70 13.96 7.64 11.77
CA ILE D 70 15.29 8.25 11.67
C ILE D 70 16.34 7.36 12.37
N VAL D 71 15.97 6.83 13.55
CA VAL D 71 16.85 5.98 14.31
C VAL D 71 17.09 4.67 13.56
N GLU D 72 16.01 4.10 13.03
CA GLU D 72 16.06 2.91 12.18
C GLU D 72 17.02 3.12 10.97
N GLY D 73 16.90 4.26 10.30
CA GLY D 73 17.80 4.60 9.19
C GLY D 73 19.27 4.62 9.59
N MET D 74 19.54 5.19 10.77
CA MET D 74 20.88 5.21 11.37
C MET D 74 21.41 3.80 11.68
N ALA D 75 20.53 2.94 12.18
CA ALA D 75 20.84 1.53 12.44
C ALA D 75 21.22 0.76 11.17
N GLN D 76 20.44 0.94 10.11
CA GLN D 76 20.68 0.30 8.82
C GLN D 76 21.98 0.77 8.20
N SER D 77 22.30 2.05 8.38
CA SER D 77 23.59 2.61 7.97
C SER D 77 24.74 1.94 8.74
N GLY D 78 24.55 1.79 10.05
CA GLY D 78 25.52 1.10 10.91
C GLY D 78 25.71 -0.37 10.54
N GLY D 79 24.59 -1.06 10.31
CA GLY D 79 24.60 -2.45 9.85
C GLY D 79 25.28 -2.66 8.51
N PHE D 80 25.18 -1.66 7.63
CA PHE D 80 25.91 -1.71 6.36
C PHE D 80 27.41 -1.57 6.59
N LEU D 81 27.77 -0.68 7.51
CA LEU D 81 29.16 -0.46 7.90
C LEU D 81 29.71 -1.73 8.53
N ALA D 82 28.97 -2.25 9.51
CA ALA D 82 29.33 -3.47 10.21
C ALA D 82 29.64 -4.63 9.25
N PHE D 83 28.71 -4.90 8.32
CA PHE D 83 28.87 -6.02 7.41
C PHE D 83 30.03 -5.87 6.42
N THR D 84 30.10 -4.74 5.71
CA THR D 84 31.15 -4.51 4.72
C THR D 84 32.55 -4.44 5.36
N SER D 85 32.59 -4.06 6.64
CA SER D 85 33.83 -4.03 7.44
C SER D 85 34.40 -5.43 7.60
N LEU D 86 33.51 -6.40 7.82
CA LEU D 86 33.90 -7.77 8.14
C LEU D 86 33.96 -8.74 6.95
N TRP D 87 33.14 -8.48 5.93
CA TRP D 87 33.08 -9.34 4.74
C TRP D 87 33.30 -8.62 3.41
N GLY D 88 33.41 -7.29 3.46
CA GLY D 88 33.46 -6.48 2.24
C GLY D 88 32.13 -6.54 1.53
N PHE D 89 32.12 -6.19 0.24
CA PHE D 89 30.91 -6.30 -0.57
C PHE D 89 30.67 -7.75 -1.01
N ASP D 90 29.99 -8.51 -0.16
CA ASP D 90 29.76 -9.95 -0.38
C ASP D 90 28.27 -10.31 -0.27
N PRO D 91 27.53 -10.19 -1.40
CA PRO D 91 26.10 -10.53 -1.40
C PRO D 91 25.79 -11.99 -1.08
N GLU D 92 26.69 -12.91 -1.44
CA GLU D 92 26.53 -14.34 -1.16
C GLU D 92 26.42 -14.60 0.36
N ILE D 93 27.35 -14.04 1.12
CA ILE D 93 27.33 -14.15 2.57
C ILE D 93 26.29 -13.21 3.21
N ALA D 94 25.98 -12.09 2.55
CA ALA D 94 24.97 -11.16 3.05
C ALA D 94 23.60 -11.82 3.17
N LYS D 95 23.34 -12.78 2.28
CA LYS D 95 22.09 -13.52 2.26
C LYS D 95 21.95 -14.49 3.43
N THR D 96 23.04 -14.73 4.15
CA THR D 96 22.99 -15.61 5.33
C THR D 96 22.87 -14.87 6.68
N LYS D 97 22.64 -13.56 6.61
CA LYS D 97 22.66 -12.72 7.82
C LYS D 97 21.42 -11.85 7.98
N ILE D 98 21.13 -11.49 9.23
CA ILE D 98 20.09 -10.51 9.57
C ILE D 98 20.65 -9.60 10.68
N VAL D 99 20.24 -8.33 10.65
CA VAL D 99 20.67 -7.35 11.65
C VAL D 99 19.64 -7.30 12.79
N TYR D 100 20.13 -7.43 14.02
CA TYR D 100 19.27 -7.35 15.21
C TYR D 100 19.63 -6.17 16.12
N PHE D 101 18.65 -5.28 16.31
CA PHE D 101 18.73 -4.22 17.33
C PHE D 101 18.83 -4.82 18.72
N MET D 102 19.84 -4.39 19.48
CA MET D 102 20.00 -4.83 20.88
C MET D 102 19.59 -3.73 21.86
N THR D 103 20.16 -2.54 21.65
CA THR D 103 19.89 -1.38 22.51
C THR D 103 19.82 -0.07 21.71
N ILE D 104 19.11 0.90 22.26
CA ILE D 104 19.17 2.29 21.81
C ILE D 104 19.27 3.17 23.04
N ASP D 105 20.12 4.19 22.97
CA ASP D 105 20.28 5.14 24.06
C ASP D 105 20.67 6.52 23.51
N LYS D 106 20.45 7.55 24.33
CA LYS D 106 20.90 8.93 24.06
C LYS D 106 20.30 9.55 22.79
N VAL D 107 19.05 9.21 22.46
CA VAL D 107 18.42 9.78 21.27
C VAL D 107 17.74 11.12 21.57
N LYS D 108 18.03 12.11 20.74
CA LYS D 108 17.41 13.43 20.82
C LYS D 108 16.78 13.79 19.49
N PHE D 109 15.58 14.37 19.54
CA PHE D 109 14.92 14.89 18.35
C PHE D 109 14.86 16.40 18.40
N ARG D 110 15.72 17.05 17.61
CA ARG D 110 15.91 18.51 17.65
C ARG D 110 15.07 19.28 16.63
N ILE D 111 15.03 18.79 15.39
CA ILE D 111 14.36 19.44 14.28
C ILE D 111 13.50 18.41 13.53
N PRO D 112 12.23 18.73 13.23
CA PRO D 112 11.40 17.75 12.53
C PRO D 112 11.77 17.59 11.04
N VAL D 113 11.63 16.37 10.52
CA VAL D 113 12.00 16.02 9.15
C VAL D 113 10.75 15.92 8.27
N THR D 114 10.79 16.61 7.14
CA THR D 114 9.62 16.78 6.29
C THR D 114 9.94 16.44 4.82
N PRO D 115 8.90 16.11 4.03
CA PRO D 115 9.07 15.95 2.57
C PRO D 115 9.96 17.04 1.94
N GLY D 116 10.92 16.61 1.13
CA GLY D 116 11.87 17.53 0.50
C GLY D 116 13.23 17.56 1.20
N ASP D 117 13.31 16.93 2.36
CA ASP D 117 14.54 16.83 3.14
C ASP D 117 15.42 15.67 2.67
N ARG D 118 16.72 15.92 2.68
CA ARG D 118 17.73 14.89 2.44
C ARG D 118 18.26 14.47 3.82
N LEU D 119 17.79 13.33 4.32
CA LEU D 119 18.14 12.86 5.66
C LEU D 119 19.50 12.14 5.68
N GLU D 120 20.52 12.86 6.12
CA GLU D 120 21.89 12.38 6.08
C GLU D 120 22.26 11.71 7.41
N TYR D 121 22.72 10.47 7.33
CA TYR D 121 23.11 9.69 8.50
C TYR D 121 24.63 9.69 8.68
N HIS D 122 25.10 10.14 9.83
CA HIS D 122 26.52 10.15 10.18
C HIS D 122 26.77 9.22 11.37
N LEU D 123 27.42 8.09 11.12
CA LEU D 123 27.69 7.14 12.19
C LEU D 123 29.14 6.76 12.33
N GLU D 124 29.58 6.62 13.57
CA GLU D 124 30.92 6.18 13.87
C GLU D 124 30.86 4.94 14.77
N VAL D 125 31.83 4.04 14.61
CA VAL D 125 31.93 2.87 15.46
C VAL D 125 32.50 3.29 16.82
N LEU D 126 31.72 3.04 17.86
CA LEU D 126 32.12 3.32 19.23
C LEU D 126 32.83 2.09 19.83
N LYS D 127 32.31 0.92 19.52
CA LYS D 127 32.89 -0.37 19.90
C LYS D 127 32.38 -1.48 18.98
N HIS D 128 33.26 -2.41 18.63
CA HIS D 128 32.87 -3.62 17.93
C HIS D 128 33.72 -4.82 18.35
N LYS D 129 33.06 -5.95 18.57
CA LYS D 129 33.73 -7.25 18.78
C LYS D 129 32.88 -8.35 18.17
N GLY D 130 33.45 -9.05 17.19
CA GLY D 130 32.74 -10.06 16.42
C GLY D 130 31.53 -9.47 15.73
N MET D 131 30.36 -10.04 16.02
CA MET D 131 29.10 -9.64 15.40
C MET D 131 28.43 -8.45 16.10
N ILE D 132 28.89 -8.12 17.31
CA ILE D 132 28.33 -7.04 18.15
C ILE D 132 28.94 -5.68 17.81
N TRP D 133 28.14 -4.79 17.25
CA TRP D 133 28.61 -3.47 16.83
C TRP D 133 27.88 -2.34 17.53
N GLN D 134 28.65 -1.40 18.06
CA GLN D 134 28.08 -0.26 18.75
C GLN D 134 28.46 1.03 18.02
N VAL D 135 27.44 1.71 17.51
CA VAL D 135 27.60 2.91 16.70
C VAL D 135 26.84 4.10 17.32
N GLY D 136 27.29 5.31 17.00
CA GLY D 136 26.67 6.52 17.52
C GLY D 136 26.88 7.65 16.56
N GLY D 137 25.96 8.60 16.54
CA GLY D 137 26.11 9.76 15.67
C GLY D 137 24.88 10.63 15.55
N THR D 138 24.75 11.26 14.39
CA THR D 138 23.71 12.25 14.15
C THR D 138 23.00 11.98 12.82
N ALA D 139 21.77 12.50 12.73
CA ALA D 139 21.06 12.63 11.47
C ALA D 139 21.03 14.12 11.16
N GLN D 140 21.35 14.47 9.91
CA GLN D 140 21.51 15.86 9.54
C GLN D 140 20.68 16.22 8.30
N VAL D 141 20.11 17.41 8.32
CA VAL D 141 19.45 17.98 7.15
C VAL D 141 20.04 19.36 6.84
N ASP D 142 20.60 19.52 5.64
CA ASP D 142 21.30 20.74 5.24
C ASP D 142 22.30 21.19 6.29
N GLY D 143 23.20 20.28 6.66
CA GLY D 143 24.25 20.54 7.66
C GLY D 143 23.82 20.81 9.10
N LYS D 144 22.54 20.67 9.41
CA LYS D 144 22.06 20.86 10.80
C LYS D 144 21.65 19.54 11.45
N VAL D 145 22.02 19.39 12.72
CA VAL D 145 21.70 18.18 13.48
C VAL D 145 20.21 18.10 13.79
N VAL D 146 19.58 17.13 13.14
CA VAL D 146 18.15 16.91 13.21
C VAL D 146 17.84 15.91 14.33
N ALA D 147 18.78 14.99 14.58
CA ALA D 147 18.65 14.00 15.63
C ALA D 147 20.01 13.43 15.99
N GLU D 148 20.08 12.81 17.16
CA GLU D 148 21.28 12.11 17.65
C GLU D 148 20.82 10.79 18.22
N ALA D 149 21.68 9.77 18.15
CA ALA D 149 21.40 8.46 18.70
C ALA D 149 22.65 7.61 18.85
N GLU D 150 22.60 6.68 19.80
CA GLU D 150 23.59 5.62 19.93
C GLU D 150 22.84 4.32 19.93
N LEU D 151 23.40 3.31 19.28
CA LEU D 151 22.74 2.02 19.22
C LEU D 151 23.77 0.90 19.12
N LYS D 152 23.38 -0.26 19.65
CA LYS D 152 24.16 -1.49 19.55
C LYS D 152 23.35 -2.50 18.74
N ALA D 153 24.00 -3.17 17.80
CA ALA D 153 23.34 -4.18 17.00
C ALA D 153 24.15 -5.47 16.93
N MET D 154 23.51 -6.54 16.49
CA MET D 154 24.16 -7.82 16.29
C MET D 154 23.79 -8.39 14.94
N ILE D 155 24.80 -8.78 14.18
CA ILE D 155 24.58 -9.56 12.95
C ILE D 155 24.47 -11.04 13.34
N ALA D 156 23.30 -11.61 13.10
CA ALA D 156 23.04 -12.98 13.48
C ALA D 156 22.86 -13.86 12.25
N GLU D 157 23.27 -15.13 12.37
CA GLU D 157 23.01 -16.12 11.34
C GLU D 157 21.50 -16.22 11.11
N ARG D 158 21.12 -16.27 9.83
CA ARG D 158 19.72 -16.27 9.42
C ARG D 158 19.01 -17.59 9.76
N GLU D 159 19.82 -18.64 9.97
CA GLU D 159 19.31 -19.98 10.37
C GLU D 159 18.42 -20.62 9.31
N GLN E 9 3.33 -32.75 14.09
CA GLN E 9 3.33 -31.64 15.10
C GLN E 9 1.93 -31.04 15.33
N SER E 10 1.82 -30.22 16.37
CA SER E 10 0.53 -29.65 16.75
C SER E 10 0.51 -28.12 16.89
N GLN E 11 1.67 -27.49 17.01
CA GLN E 11 1.78 -26.03 17.10
C GLN E 11 2.63 -25.55 15.92
N PHE E 12 2.09 -24.62 15.14
CA PHE E 12 2.80 -24.06 13.98
C PHE E 12 2.80 -22.54 14.02
N PHE E 13 3.97 -21.96 13.75
CA PHE E 13 4.15 -20.51 13.78
C PHE E 13 4.17 -19.94 12.36
N ILE E 14 4.18 -18.62 12.25
CA ILE E 14 4.03 -17.95 10.95
C ILE E 14 5.00 -18.44 9.87
N GLU E 15 6.21 -18.82 10.27
CA GLU E 15 7.23 -19.37 9.36
C GLU E 15 6.79 -20.70 8.73
N HIS E 16 6.08 -21.50 9.50
CA HIS E 16 5.55 -22.78 9.02
C HIS E 16 4.35 -22.59 8.11
N ILE E 17 3.44 -21.69 8.47
CA ILE E 17 2.27 -21.34 7.66
C ILE E 17 2.71 -20.88 6.26
N LEU E 18 3.69 -19.97 6.24
CA LEU E 18 4.29 -19.45 5.00
C LEU E 18 4.84 -20.52 4.08
N GLN E 19 5.30 -21.62 4.66
CA GLN E 19 5.89 -22.74 3.92
C GLN E 19 4.87 -23.75 3.39
N ILE E 20 3.63 -23.65 3.87
CA ILE E 20 2.57 -24.57 3.48
C ILE E 20 1.49 -23.91 2.63
N LEU E 21 0.96 -22.79 3.11
CA LEU E 21 -0.08 -22.04 2.42
C LEU E 21 0.51 -21.20 1.30
N PRO E 22 -0.16 -21.17 0.13
CA PRO E 22 0.33 -20.35 -0.99
C PRO E 22 0.01 -18.87 -0.81
N HIS E 23 -0.96 -18.55 0.06
CA HIS E 23 -1.40 -17.19 0.31
C HIS E 23 -0.28 -16.31 0.80
N ARG E 24 -0.29 -15.05 0.36
CA ARG E 24 0.68 -14.06 0.78
C ARG E 24 -0.05 -12.74 1.07
N TYR E 25 0.70 -11.73 1.52
CA TYR E 25 0.12 -10.41 1.80
C TYR E 25 -0.55 -9.80 0.55
N PRO E 26 -1.74 -9.19 0.69
CA PRO E 26 -2.57 -9.00 1.89
C PRO E 26 -3.66 -10.06 2.09
N MET E 27 -3.37 -11.31 1.70
CA MET E 27 -4.38 -12.37 1.75
C MET E 27 -3.99 -13.61 2.58
N LEU E 28 -2.95 -13.49 3.40
CA LEU E 28 -2.58 -14.53 4.35
C LEU E 28 -3.13 -14.16 5.72
N LEU E 29 -4.15 -14.89 6.15
CA LEU E 29 -4.99 -14.47 7.28
C LEU E 29 -5.00 -15.47 8.44
N VAL E 30 -3.91 -16.20 8.57
CA VAL E 30 -3.66 -17.06 9.71
C VAL E 30 -2.25 -16.74 10.21
N ASP E 31 -2.16 -16.42 11.50
CA ASP E 31 -0.88 -16.02 12.10
C ASP E 31 -0.19 -17.17 12.82
N ARG E 32 -0.98 -18.06 13.40
CA ARG E 32 -0.45 -19.16 14.24
C ARG E 32 -1.48 -20.29 14.35
N ILE E 33 -0.99 -21.52 14.39
CA ILE E 33 -1.83 -22.71 14.54
C ILE E 33 -1.60 -23.29 15.93
N THR E 34 -2.64 -23.35 16.76
CA THR E 34 -2.45 -23.77 18.15
C THR E 34 -2.62 -25.27 18.33
N GLU E 35 -3.47 -25.87 17.53
CA GLU E 35 -3.62 -27.32 17.57
C GLU E 35 -4.13 -27.88 16.25
N LEU E 36 -3.68 -29.08 15.91
CA LEU E 36 -4.29 -29.82 14.81
C LEU E 36 -4.16 -31.32 14.96
N GLN E 37 -5.25 -32.02 14.65
CA GLN E 37 -5.24 -33.47 14.53
C GLN E 37 -5.45 -33.78 13.05
N ALA E 38 -4.47 -34.47 12.45
CA ALA E 38 -4.52 -34.85 11.04
C ALA E 38 -5.85 -35.50 10.65
N ASN E 39 -6.42 -35.03 9.55
CA ASN E 39 -7.69 -35.54 9.01
C ASN E 39 -8.92 -35.21 9.84
N GLN E 40 -8.74 -34.49 10.94
CA GLN E 40 -9.83 -34.32 11.91
C GLN E 40 -10.13 -32.87 12.26
N LYS E 41 -9.15 -32.20 12.85
CA LYS E 41 -9.38 -30.95 13.58
C LYS E 41 -8.24 -29.95 13.37
N ILE E 42 -8.59 -28.67 13.33
CA ILE E 42 -7.58 -27.59 13.46
C ILE E 42 -8.12 -26.41 14.30
N VAL E 43 -7.26 -25.88 15.16
CA VAL E 43 -7.52 -24.61 15.83
C VAL E 43 -6.36 -23.70 15.47
N ALA E 44 -6.68 -22.49 15.00
CA ALA E 44 -5.67 -21.51 14.62
C ALA E 44 -6.19 -20.11 14.93
N TYR E 45 -5.37 -19.10 14.75
CA TYR E 45 -5.86 -17.74 14.94
C TYR E 45 -5.13 -16.70 14.10
N LYS E 46 -5.83 -15.57 13.90
CA LYS E 46 -5.25 -14.37 13.32
C LYS E 46 -5.50 -13.23 14.30
N ASN E 47 -4.46 -12.46 14.59
CA ASN E 47 -4.62 -11.22 15.36
C ASN E 47 -5.24 -10.14 14.48
N ILE E 48 -6.17 -9.38 15.06
CA ILE E 48 -6.80 -8.24 14.39
C ILE E 48 -6.23 -6.95 14.97
N THR E 49 -5.74 -6.08 14.09
CA THR E 49 -5.12 -4.82 14.52
C THR E 49 -5.57 -3.68 13.62
N PHE E 50 -5.51 -2.44 14.12
CA PHE E 50 -5.88 -1.28 13.31
C PHE E 50 -4.92 -1.13 12.13
N ASN E 51 -3.66 -1.50 12.36
CA ASN E 51 -2.59 -1.41 11.37
C ASN E 51 -2.71 -2.42 10.20
N GLU E 52 -3.91 -2.55 9.67
CA GLU E 52 -4.16 -3.38 8.51
C GLU E 52 -4.85 -2.52 7.47
N ASP E 53 -4.48 -2.73 6.21
CA ASP E 53 -4.97 -1.89 5.11
C ASP E 53 -6.48 -1.98 4.86
N VAL E 54 -7.11 -3.15 5.08
CA VAL E 54 -8.57 -3.30 4.95
C VAL E 54 -9.35 -2.22 5.68
N PHE E 55 -8.82 -1.77 6.81
CA PHE E 55 -9.56 -0.88 7.70
C PHE E 55 -9.70 0.55 7.15
N ASN E 56 -8.88 0.88 6.17
CA ASN E 56 -9.04 2.11 5.41
C ASN E 56 -10.40 2.21 4.71
N GLY E 57 -11.01 1.05 4.47
CA GLY E 57 -12.24 0.97 3.68
C GLY E 57 -13.44 0.38 4.36
N HIS E 58 -13.22 -0.21 5.54
CA HIS E 58 -14.24 -1.02 6.19
C HIS E 58 -14.23 -0.86 7.72
N PHE E 59 -14.76 0.26 8.24
CA PHE E 59 -15.23 1.40 7.46
C PHE E 59 -14.47 2.61 7.97
N PRO E 60 -14.35 3.67 7.14
CA PRO E 60 -13.77 4.91 7.69
C PRO E 60 -14.42 5.34 9.02
N ASN E 61 -13.60 5.58 10.03
CA ASN E 61 -14.03 5.90 11.40
C ASN E 61 -14.69 4.76 12.20
N LYS E 62 -14.96 3.63 11.55
CA LYS E 62 -15.54 2.47 12.23
C LYS E 62 -14.92 1.13 11.78
N PRO E 63 -13.71 0.79 12.29
CA PRO E 63 -13.03 -0.45 11.89
C PRO E 63 -13.75 -1.76 12.28
N ILE E 64 -14.14 -2.50 11.25
CA ILE E 64 -14.81 -3.78 11.41
C ILE E 64 -14.18 -4.76 10.43
N PHE E 65 -13.51 -5.77 10.97
CA PHE E 65 -12.92 -6.82 10.14
C PHE E 65 -14.02 -7.47 9.30
N PRO E 66 -13.88 -7.43 7.95
CA PRO E 66 -14.96 -7.93 7.09
C PRO E 66 -15.26 -9.40 7.32
N GLY E 67 -16.55 -9.74 7.39
CA GLY E 67 -17.01 -11.10 7.55
C GLY E 67 -16.49 -12.07 6.50
N VAL E 68 -16.42 -11.63 5.24
CA VAL E 68 -15.89 -12.48 4.15
C VAL E 68 -14.43 -12.89 4.37
N LEU E 69 -13.69 -12.09 5.14
CA LEU E 69 -12.28 -12.39 5.43
C LEU E 69 -12.13 -13.30 6.64
N ILE E 70 -13.15 -13.35 7.49
CA ILE E 70 -13.25 -14.35 8.56
C ILE E 70 -13.42 -15.73 7.94
N VAL E 71 -14.33 -15.82 6.98
CA VAL E 71 -14.54 -17.04 6.20
C VAL E 71 -13.29 -17.47 5.45
N GLU E 72 -12.60 -16.50 4.86
CA GLU E 72 -11.32 -16.72 4.19
C GLU E 72 -10.26 -17.34 5.13
N GLY E 73 -10.10 -16.76 6.31
CA GLY E 73 -9.15 -17.25 7.31
C GLY E 73 -9.48 -18.63 7.83
N MET E 74 -10.78 -18.90 8.00
CA MET E 74 -11.31 -20.24 8.30
C MET E 74 -10.96 -21.24 7.19
N ALA E 75 -11.09 -20.81 5.93
CA ALA E 75 -10.73 -21.62 4.75
C ALA E 75 -9.25 -21.94 4.71
N GLN E 76 -8.41 -20.93 4.99
CA GLN E 76 -6.96 -21.09 5.04
C GLN E 76 -6.51 -22.03 6.16
N SER E 77 -7.22 -22.01 7.28
CA SER E 77 -7.03 -22.96 8.39
C SER E 77 -7.35 -24.39 7.94
N GLY E 78 -8.45 -24.55 7.22
CA GLY E 78 -8.84 -25.83 6.64
C GLY E 78 -7.85 -26.36 5.63
N GLY E 79 -7.28 -25.45 4.83
CA GLY E 79 -6.31 -25.78 3.80
C GLY E 79 -4.94 -26.15 4.35
N PHE E 80 -4.57 -25.57 5.50
CA PHE E 80 -3.37 -25.99 6.21
C PHE E 80 -3.58 -27.38 6.77
N LEU E 81 -4.76 -27.62 7.33
CA LEU E 81 -5.15 -28.93 7.82
C LEU E 81 -5.16 -29.94 6.66
N ALA E 82 -5.75 -29.53 5.53
CA ALA E 82 -5.83 -30.36 4.33
C ALA E 82 -4.47 -30.79 3.81
N PHE E 83 -3.55 -29.84 3.64
CA PHE E 83 -2.25 -30.15 3.06
C PHE E 83 -1.40 -31.07 3.95
N THR E 84 -1.28 -30.71 5.22
CA THR E 84 -0.47 -31.48 6.16
C THR E 84 -1.04 -32.88 6.41
N SER E 85 -2.35 -33.02 6.24
CA SER E 85 -3.01 -34.33 6.34
C SER E 85 -2.71 -35.20 5.12
N LEU E 86 -2.61 -34.59 3.94
CA LEU E 86 -2.22 -35.29 2.72
C LEU E 86 -0.74 -35.67 2.69
N TRP E 87 0.14 -34.67 2.75
CA TRP E 87 1.58 -34.89 2.55
C TRP E 87 2.44 -34.68 3.80
N GLY E 88 1.82 -34.35 4.92
CA GLY E 88 2.55 -33.93 6.13
C GLY E 88 3.17 -32.55 5.96
N PHE E 89 4.14 -32.22 6.81
CA PHE E 89 4.84 -30.96 6.67
C PHE E 89 5.90 -31.05 5.58
N ASP E 90 5.51 -30.71 4.36
CA ASP E 90 6.41 -30.76 3.21
C ASP E 90 6.36 -29.48 2.36
N PRO E 91 7.19 -28.48 2.71
CA PRO E 91 7.27 -27.22 1.97
C PRO E 91 7.61 -27.35 0.48
N GLU E 92 8.42 -28.35 0.11
CA GLU E 92 8.82 -28.54 -1.30
C GLU E 92 7.66 -29.00 -2.19
N ILE E 93 6.76 -29.82 -1.65
CA ILE E 93 5.51 -30.18 -2.32
C ILE E 93 4.54 -28.99 -2.29
N ALA E 94 4.48 -28.32 -1.13
CA ALA E 94 3.58 -27.17 -0.93
C ALA E 94 3.78 -26.02 -1.91
N LYS E 95 5.05 -25.71 -2.23
CA LYS E 95 5.39 -24.50 -3.01
C LYS E 95 4.66 -24.38 -4.37
N THR E 96 4.22 -25.49 -4.93
CA THR E 96 3.55 -25.48 -6.24
C THR E 96 2.04 -25.74 -6.16
N LYS E 97 1.51 -25.74 -4.93
CA LYS E 97 0.07 -25.92 -4.72
C LYS E 97 -0.68 -24.59 -4.59
N ILE E 98 -1.93 -24.58 -5.02
CA ILE E 98 -2.86 -23.50 -4.73
C ILE E 98 -4.11 -24.11 -4.11
N VAL E 99 -5.01 -23.26 -3.62
CA VAL E 99 -6.30 -23.68 -3.07
C VAL E 99 -7.41 -22.87 -3.74
N TYR E 100 -8.47 -23.56 -4.13
CA TYR E 100 -9.68 -22.94 -4.70
C TYR E 100 -10.85 -23.21 -3.77
N PHE E 101 -11.65 -22.18 -3.53
CA PHE E 101 -12.98 -22.33 -2.93
C PHE E 101 -13.87 -23.02 -3.93
N MET E 102 -14.71 -23.92 -3.44
CA MET E 102 -15.72 -24.55 -4.27
C MET E 102 -17.11 -24.10 -3.84
N THR E 103 -17.39 -24.23 -2.54
CA THR E 103 -18.69 -23.85 -1.99
C THR E 103 -18.53 -23.17 -0.63
N ILE E 104 -19.57 -22.41 -0.26
CA ILE E 104 -19.69 -21.81 1.06
C ILE E 104 -21.16 -21.91 1.46
N ASP E 105 -21.43 -22.44 2.66
CA ASP E 105 -22.80 -22.64 3.12
C ASP E 105 -22.93 -22.35 4.60
N LYS E 106 -24.17 -22.11 5.02
CA LYS E 106 -24.56 -22.05 6.43
C LYS E 106 -23.69 -21.12 7.26
N VAL E 107 -23.30 -19.98 6.69
CA VAL E 107 -22.52 -19.00 7.46
C VAL E 107 -23.44 -18.00 8.13
N LYS E 108 -23.13 -17.71 9.38
CA LYS E 108 -23.85 -16.73 10.18
C LYS E 108 -22.82 -15.88 10.90
N PHE E 109 -23.00 -14.56 10.88
CA PHE E 109 -22.15 -13.66 11.64
C PHE E 109 -22.90 -13.15 12.88
N ARG E 110 -22.29 -13.31 14.05
CA ARG E 110 -22.99 -13.04 15.31
C ARG E 110 -22.51 -11.76 15.98
N ILE E 111 -21.19 -11.57 16.01
CA ILE E 111 -20.55 -10.46 16.73
C ILE E 111 -19.50 -9.82 15.80
N PRO E 112 -19.52 -8.48 15.67
CA PRO E 112 -18.50 -7.78 14.86
C PRO E 112 -17.08 -7.98 15.38
N VAL E 113 -16.13 -8.17 14.47
CA VAL E 113 -14.71 -8.30 14.83
C VAL E 113 -13.98 -6.97 14.62
N THR E 114 -13.24 -6.53 15.64
CA THR E 114 -12.62 -5.21 15.66
C THR E 114 -11.13 -5.30 16.04
N PRO E 115 -10.32 -4.27 15.72
CA PRO E 115 -8.90 -4.21 16.16
C PRO E 115 -8.73 -4.52 17.65
N GLY E 116 -7.73 -5.34 17.97
CA GLY E 116 -7.54 -5.79 19.35
C GLY E 116 -8.11 -7.16 19.61
N ASP E 117 -8.91 -7.67 18.67
CA ASP E 117 -9.42 -9.04 18.76
C ASP E 117 -8.40 -10.08 18.33
N ARG E 118 -8.40 -11.20 19.05
CA ARG E 118 -7.64 -12.39 18.65
C ARG E 118 -8.66 -13.34 18.04
N LEU E 119 -8.69 -13.39 16.70
CA LEU E 119 -9.72 -14.14 15.99
C LEU E 119 -9.30 -15.61 15.85
N GLU E 120 -9.96 -16.46 16.62
CA GLU E 120 -9.61 -17.87 16.69
C GLU E 120 -10.50 -18.69 15.76
N TYR E 121 -9.86 -19.46 14.87
CA TYR E 121 -10.56 -20.34 13.94
C TYR E 121 -10.55 -21.78 14.46
N HIS E 122 -11.74 -22.38 14.56
CA HIS E 122 -11.90 -23.78 14.94
C HIS E 122 -12.58 -24.51 13.79
N LEU E 123 -11.82 -25.32 13.06
CA LEU E 123 -12.39 -26.11 11.95
C LEU E 123 -12.31 -27.59 12.22
N GLU E 124 -13.38 -28.28 11.83
CA GLU E 124 -13.42 -29.74 11.82
C GLU E 124 -13.72 -30.24 10.41
N VAL E 125 -13.12 -31.37 10.04
CA VAL E 125 -13.34 -32.01 8.75
C VAL E 125 -14.68 -32.73 8.77
N LEU E 126 -15.56 -32.37 7.83
CA LEU E 126 -16.89 -32.96 7.75
C LEU E 126 -16.87 -34.12 6.77
N LYS E 127 -15.98 -34.02 5.78
CA LYS E 127 -15.82 -34.98 4.70
C LYS E 127 -14.63 -34.54 3.83
N HIS E 128 -13.79 -35.51 3.47
CA HIS E 128 -12.70 -35.25 2.55
C HIS E 128 -12.50 -36.45 1.63
N LYS E 129 -12.16 -36.16 0.38
CA LYS E 129 -11.83 -37.18 -0.61
C LYS E 129 -10.79 -36.64 -1.58
N GLY E 130 -9.57 -37.17 -1.46
CA GLY E 130 -8.43 -36.71 -2.24
C GLY E 130 -8.14 -35.25 -1.92
N MET E 131 -8.27 -34.41 -2.93
CA MET E 131 -7.97 -32.98 -2.86
C MET E 131 -9.14 -32.13 -2.34
N ILE E 132 -10.33 -32.73 -2.31
CA ILE E 132 -11.55 -32.00 -1.96
C ILE E 132 -11.88 -32.14 -0.47
N TRP E 133 -11.81 -31.01 0.23
CA TRP E 133 -11.99 -30.98 1.67
C TRP E 133 -13.19 -30.13 2.06
N GLN E 134 -14.12 -30.75 2.79
CA GLN E 134 -15.27 -30.04 3.33
C GLN E 134 -15.13 -29.87 4.83
N VAL E 135 -14.97 -28.62 5.26
CA VAL E 135 -14.75 -28.28 6.66
C VAL E 135 -15.84 -27.35 7.19
N GLY E 136 -16.14 -27.46 8.48
CA GLY E 136 -17.13 -26.61 9.14
C GLY E 136 -16.64 -26.28 10.54
N GLY E 137 -17.12 -25.17 11.09
CA GLY E 137 -16.71 -24.73 12.42
C GLY E 137 -17.05 -23.29 12.74
N THR E 138 -16.24 -22.70 13.62
CA THR E 138 -16.52 -21.35 14.13
C THR E 138 -15.28 -20.47 14.14
N ALA E 139 -15.52 -19.16 14.21
CA ALA E 139 -14.50 -18.19 14.59
C ALA E 139 -14.89 -17.63 15.96
N GLN E 140 -13.91 -17.48 16.83
CA GLN E 140 -14.17 -17.07 18.20
C GLN E 140 -13.27 -15.94 18.66
N VAL E 141 -13.83 -15.04 19.46
CA VAL E 141 -13.06 -14.03 20.17
C VAL E 141 -13.40 -14.13 21.66
N ASP E 142 -12.37 -14.32 22.49
CA ASP E 142 -12.52 -14.48 23.95
C ASP E 142 -13.54 -15.56 24.30
N GLY E 143 -13.40 -16.74 23.69
CA GLY E 143 -14.29 -17.88 23.93
C GLY E 143 -15.72 -17.77 23.44
N LYS E 144 -16.04 -16.68 22.72
CA LYS E 144 -17.38 -16.48 22.18
C LYS E 144 -17.39 -16.71 20.68
N VAL E 145 -18.51 -17.22 20.16
CA VAL E 145 -18.65 -17.48 18.72
C VAL E 145 -19.09 -16.22 17.97
N VAL E 146 -18.23 -15.76 17.08
CA VAL E 146 -18.48 -14.55 16.31
C VAL E 146 -19.01 -14.88 14.91
N ALA E 147 -18.67 -16.08 14.42
CA ALA E 147 -19.04 -16.52 13.09
C ALA E 147 -19.08 -18.04 13.00
N GLU E 148 -19.98 -18.55 12.15
CA GLU E 148 -20.08 -19.97 11.84
C GLU E 148 -19.96 -20.12 10.33
N ALA E 149 -19.32 -21.19 9.86
CA ALA E 149 -19.18 -21.41 8.43
C ALA E 149 -18.94 -22.86 8.06
N GLU E 150 -19.55 -23.24 6.95
CA GLU E 150 -19.30 -24.50 6.31
C GLU E 150 -18.74 -24.19 4.93
N LEU E 151 -17.68 -24.87 4.53
CA LEU E 151 -17.03 -24.60 3.24
C LEU E 151 -16.32 -25.82 2.66
N LYS E 152 -16.22 -25.82 1.34
CA LYS E 152 -15.51 -26.85 0.59
C LYS E 152 -14.41 -26.22 -0.28
N ALA E 153 -13.19 -26.72 -0.10
CA ALA E 153 -12.03 -26.19 -0.82
C ALA E 153 -11.28 -27.31 -1.54
N MET E 154 -10.66 -26.97 -2.67
CA MET E 154 -9.89 -27.92 -3.44
C MET E 154 -8.43 -27.51 -3.46
N ILE E 155 -7.55 -28.44 -3.12
CA ILE E 155 -6.11 -28.27 -3.29
C ILE E 155 -5.76 -28.73 -4.70
N ALA E 156 -4.99 -27.91 -5.41
CA ALA E 156 -4.62 -28.19 -6.79
C ALA E 156 -3.18 -27.77 -7.09
N GLU E 157 -2.48 -28.61 -7.85
CA GLU E 157 -1.17 -28.28 -8.40
C GLU E 157 -1.30 -27.09 -9.35
N ARG E 158 -0.43 -26.10 -9.17
CA ARG E 158 -0.37 -24.95 -10.05
C ARG E 158 0.05 -25.42 -11.44
N GLU E 159 -0.71 -24.99 -12.45
CA GLU E 159 -0.35 -25.33 -13.82
C GLU E 159 -0.59 -24.17 -14.78
N GLN F 11 -28.05 4.66 -15.45
CA GLN F 11 -26.85 4.10 -14.78
C GLN F 11 -26.39 4.96 -13.61
N PHE F 12 -25.85 4.29 -12.58
CA PHE F 12 -25.15 4.97 -11.49
C PHE F 12 -23.66 4.70 -11.64
N PHE F 13 -22.87 5.77 -11.62
CA PHE F 13 -21.44 5.66 -11.79
C PHE F 13 -20.75 5.68 -10.44
N ILE F 14 -19.45 5.42 -10.41
CA ILE F 14 -18.68 5.34 -9.15
C ILE F 14 -18.98 6.48 -8.15
N GLU F 15 -19.09 7.71 -8.67
CA GLU F 15 -19.43 8.91 -7.87
C GLU F 15 -20.76 8.79 -7.12
N HIS F 16 -21.75 8.16 -7.74
CA HIS F 16 -23.05 7.91 -7.11
C HIS F 16 -22.97 6.76 -6.11
N ILE F 17 -22.23 5.72 -6.47
CA ILE F 17 -21.98 4.58 -5.58
C ILE F 17 -21.32 5.03 -4.27
N LEU F 18 -20.39 5.98 -4.37
CA LEU F 18 -19.68 6.56 -3.21
C LEU F 18 -20.58 7.36 -2.27
N GLN F 19 -21.67 7.91 -2.80
CA GLN F 19 -22.63 8.68 -2.01
C GLN F 19 -23.61 7.79 -1.26
N ILE F 20 -23.72 6.52 -1.68
CA ILE F 20 -24.67 5.59 -1.06
C ILE F 20 -24.01 4.52 -0.18
N LEU F 21 -22.99 3.85 -0.72
CA LEU F 21 -22.26 2.83 0.04
C LEU F 21 -21.21 3.46 0.95
N PRO F 22 -21.09 2.96 2.20
CA PRO F 22 -20.07 3.46 3.13
C PRO F 22 -18.67 2.90 2.86
N HIS F 23 -18.59 1.79 2.11
CA HIS F 23 -17.33 1.11 1.82
C HIS F 23 -16.37 2.03 1.07
N ARG F 24 -15.08 1.91 1.37
CA ARG F 24 -14.04 2.68 0.67
C ARG F 24 -12.88 1.77 0.30
N TYR F 25 -11.82 2.32 -0.27
CA TYR F 25 -10.64 1.55 -0.67
C TYR F 25 -9.94 0.91 0.56
N PRO F 26 -9.54 -0.38 0.46
CA PRO F 26 -9.67 -1.31 -0.66
C PRO F 26 -10.82 -2.30 -0.51
N MET F 27 -11.95 -1.84 0.00
CA MET F 27 -13.10 -2.70 0.23
C MET F 27 -14.37 -2.22 -0.47
N LEU F 28 -14.24 -1.27 -1.40
CA LEU F 28 -15.35 -0.91 -2.29
C LEU F 28 -15.22 -1.68 -3.60
N LEU F 29 -16.10 -2.65 -3.79
CA LEU F 29 -15.92 -3.64 -4.85
C LEU F 29 -17.02 -3.66 -5.91
N VAL F 30 -17.69 -2.51 -6.08
CA VAL F 30 -18.64 -2.27 -7.16
C VAL F 30 -18.23 -0.97 -7.87
N ASP F 31 -18.10 -1.05 -9.19
CA ASP F 31 -17.65 0.10 -10.01
C ASP F 31 -18.78 0.90 -10.65
N ARG F 32 -19.85 0.21 -11.04
CA ARG F 32 -20.94 0.81 -11.82
C ARG F 32 -22.22 0.01 -11.67
N ILE F 33 -23.36 0.71 -11.60
CA ILE F 33 -24.69 0.08 -11.57
C ILE F 33 -25.36 0.31 -12.92
N THR F 34 -25.67 -0.78 -13.63
CA THR F 34 -26.29 -0.68 -14.96
C THR F 34 -27.82 -0.85 -14.94
N GLU F 35 -28.35 -1.62 -14.00
CA GLU F 35 -29.80 -1.80 -13.82
C GLU F 35 -30.25 -1.74 -12.36
N LEU F 36 -31.32 -1.00 -12.10
CA LEU F 36 -31.92 -0.93 -10.77
C LEU F 36 -33.45 -0.96 -10.86
N GLN F 37 -34.07 -1.91 -10.16
CA GLN F 37 -35.52 -1.98 -10.04
C GLN F 37 -35.87 -2.12 -8.56
N ALA F 38 -36.53 -1.11 -8.01
CA ALA F 38 -36.83 -1.04 -6.58
C ALA F 38 -37.59 -2.26 -6.10
N ASN F 39 -37.08 -2.88 -5.03
CA ASN F 39 -37.68 -4.07 -4.41
C ASN F 39 -37.67 -5.33 -5.30
N GLN F 40 -36.89 -5.31 -6.37
CA GLN F 40 -36.89 -6.40 -7.35
C GLN F 40 -35.49 -6.94 -7.66
N LYS F 41 -34.68 -6.14 -8.35
CA LYS F 41 -33.35 -6.58 -8.75
C LYS F 41 -32.36 -5.45 -9.02
N ILE F 42 -31.09 -5.84 -9.11
CA ILE F 42 -30.01 -4.94 -9.47
C ILE F 42 -29.02 -5.69 -10.33
N VAL F 43 -28.52 -5.02 -11.36
CA VAL F 43 -27.39 -5.51 -12.14
C VAL F 43 -26.26 -4.47 -12.05
N ALA F 44 -25.10 -4.90 -11.59
CA ALA F 44 -23.93 -4.02 -11.41
C ALA F 44 -22.68 -4.77 -11.79
N TYR F 45 -21.56 -4.05 -11.90
CA TYR F 45 -20.28 -4.74 -12.13
C TYR F 45 -19.08 -4.11 -11.45
N LYS F 46 -18.03 -4.92 -11.34
CA LYS F 46 -16.70 -4.47 -10.98
C LYS F 46 -15.72 -4.98 -12.03
N ASN F 47 -14.87 -4.08 -12.54
CA ASN F 47 -13.74 -4.48 -13.39
C ASN F 47 -12.64 -5.14 -12.56
N ILE F 48 -12.04 -6.19 -13.12
CA ILE F 48 -10.92 -6.89 -12.50
C ILE F 48 -9.65 -6.57 -13.30
N THR F 49 -8.67 -5.99 -12.63
CA THR F 49 -7.43 -5.56 -13.27
C THR F 49 -6.25 -6.12 -12.45
N PHE F 50 -5.11 -6.35 -13.09
CA PHE F 50 -3.92 -6.79 -12.35
C PHE F 50 -3.47 -5.75 -11.31
N ASN F 51 -3.69 -4.48 -11.63
CA ASN F 51 -3.34 -3.34 -10.76
C ASN F 51 -4.15 -3.23 -9.45
N GLU F 52 -4.47 -4.36 -8.82
CA GLU F 52 -5.12 -4.37 -7.50
C GLU F 52 -4.25 -5.08 -6.47
N ASP F 53 -4.16 -4.52 -5.26
CA ASP F 53 -3.24 -5.00 -4.22
C ASP F 53 -3.48 -6.44 -3.80
N VAL F 54 -4.74 -6.89 -3.84
CA VAL F 54 -5.07 -8.28 -3.50
C VAL F 54 -4.29 -9.35 -4.29
N PHE F 55 -3.99 -9.06 -5.56
CA PHE F 55 -3.29 -10.04 -6.41
C PHE F 55 -1.83 -10.29 -6.01
N ASN F 56 -1.26 -9.44 -5.15
CA ASN F 56 0.06 -9.71 -4.56
C ASN F 56 0.07 -10.99 -3.71
N GLY F 57 -1.08 -11.31 -3.10
CA GLY F 57 -1.18 -12.47 -2.23
C GLY F 57 -2.12 -13.58 -2.67
N HIS F 58 -2.83 -13.39 -3.77
CA HIS F 58 -3.85 -14.35 -4.20
C HIS F 58 -3.89 -14.57 -5.73
N PHE F 59 -2.92 -15.27 -6.30
CA PHE F 59 -1.76 -15.82 -5.59
C PHE F 59 -0.54 -15.29 -6.30
N PRO F 60 0.65 -15.35 -5.65
CA PRO F 60 1.85 -14.96 -6.41
C PRO F 60 1.98 -15.80 -7.68
N ASN F 61 2.35 -15.16 -8.79
CA ASN F 61 2.48 -15.84 -10.09
C ASN F 61 1.22 -16.53 -10.65
N LYS F 62 0.10 -16.45 -9.93
CA LYS F 62 -1.22 -16.86 -10.43
C LYS F 62 -2.35 -15.97 -9.90
N PRO F 63 -2.65 -14.86 -10.60
CA PRO F 63 -3.71 -13.95 -10.14
C PRO F 63 -5.12 -14.50 -10.30
N ILE F 64 -5.80 -14.69 -9.18
CA ILE F 64 -7.19 -15.17 -9.12
C ILE F 64 -7.96 -14.31 -8.12
N PHE F 65 -9.02 -13.65 -8.58
CA PHE F 65 -9.82 -12.79 -7.71
C PHE F 65 -10.49 -13.66 -6.63
N PRO F 66 -10.28 -13.31 -5.34
CA PRO F 66 -10.81 -14.13 -4.25
C PRO F 66 -12.33 -14.33 -4.34
N GLY F 67 -12.75 -15.58 -4.25
CA GLY F 67 -14.15 -15.94 -4.25
C GLY F 67 -14.93 -15.19 -3.19
N VAL F 68 -14.31 -14.97 -2.02
CA VAL F 68 -14.97 -14.27 -0.92
C VAL F 68 -15.27 -12.81 -1.25
N LEU F 69 -14.48 -12.25 -2.18
CA LEU F 69 -14.61 -10.85 -2.59
C LEU F 69 -15.62 -10.70 -3.71
N ILE F 70 -15.83 -11.77 -4.48
CA ILE F 70 -16.99 -11.89 -5.37
C ILE F 70 -18.27 -11.76 -4.56
N VAL F 71 -18.36 -12.54 -3.48
CA VAL F 71 -19.49 -12.51 -2.55
C VAL F 71 -19.68 -11.11 -1.91
N GLU F 72 -18.58 -10.50 -1.47
CA GLU F 72 -18.60 -9.13 -0.97
C GLU F 72 -19.16 -8.12 -1.98
N GLY F 73 -18.71 -8.22 -3.24
CA GLY F 73 -19.21 -7.40 -4.33
C GLY F 73 -20.70 -7.59 -4.57
N MET F 74 -21.13 -8.83 -4.58
CA MET F 74 -22.56 -9.19 -4.66
C MET F 74 -23.36 -8.62 -3.49
N ALA F 75 -22.77 -8.64 -2.30
CA ALA F 75 -23.41 -8.11 -1.09
C ALA F 75 -23.54 -6.59 -1.14
N GLN F 76 -22.51 -5.94 -1.67
CA GLN F 76 -22.49 -4.48 -1.83
C GLN F 76 -23.50 -4.04 -2.88
N SER F 77 -23.62 -4.83 -3.95
CA SER F 77 -24.67 -4.61 -4.95
C SER F 77 -26.03 -4.73 -4.31
N GLY F 78 -26.23 -5.79 -3.52
CA GLY F 78 -27.45 -6.00 -2.75
C GLY F 78 -27.72 -4.85 -1.80
N GLY F 79 -26.67 -4.37 -1.15
CA GLY F 79 -26.74 -3.21 -0.27
C GLY F 79 -27.22 -1.94 -0.96
N PHE F 80 -26.69 -1.67 -2.15
CA PHE F 80 -27.14 -0.52 -2.94
C PHE F 80 -28.63 -0.61 -3.29
N LEU F 81 -29.08 -1.81 -3.68
CA LEU F 81 -30.48 -2.09 -3.96
C LEU F 81 -31.32 -1.89 -2.68
N ALA F 82 -30.78 -2.32 -1.54
CA ALA F 82 -31.44 -2.15 -0.25
C ALA F 82 -31.56 -0.68 0.17
N PHE F 83 -30.44 0.05 0.13
CA PHE F 83 -30.44 1.49 0.41
C PHE F 83 -31.49 2.26 -0.40
N THR F 84 -31.52 2.01 -1.71
CA THR F 84 -32.32 2.83 -2.63
C THR F 84 -33.81 2.47 -2.62
N SER F 85 -34.13 1.19 -2.46
CA SER F 85 -35.51 0.74 -2.29
C SER F 85 -36.11 1.36 -1.03
N LEU F 86 -35.27 1.50 0.00
CA LEU F 86 -35.68 2.04 1.29
C LEU F 86 -35.92 3.55 1.21
N TRP F 87 -34.92 4.29 0.73
CA TRP F 87 -34.93 5.75 0.81
C TRP F 87 -34.74 6.49 -0.51
N GLY F 88 -34.52 5.76 -1.60
CA GLY F 88 -34.17 6.36 -2.89
C GLY F 88 -32.72 6.83 -2.89
N PHE F 89 -32.36 7.65 -3.87
CA PHE F 89 -31.02 8.20 -3.90
C PHE F 89 -30.90 9.39 -2.95
N ASP F 90 -30.57 9.09 -1.71
CA ASP F 90 -30.43 10.09 -0.67
C ASP F 90 -29.09 9.93 0.02
N PRO F 91 -28.07 10.69 -0.44
CA PRO F 91 -26.73 10.70 0.15
C PRO F 91 -26.71 11.11 1.61
N GLU F 92 -27.65 11.97 2.03
CA GLU F 92 -27.69 12.48 3.40
C GLU F 92 -28.03 11.41 4.43
N ILE F 93 -29.09 10.65 4.17
CA ILE F 93 -29.44 9.52 5.04
C ILE F 93 -28.37 8.41 4.98
N ALA F 94 -27.87 8.11 3.77
CA ALA F 94 -26.83 7.10 3.57
C ALA F 94 -25.57 7.32 4.40
N LYS F 95 -25.18 8.58 4.59
CA LYS F 95 -23.92 8.92 5.29
C LYS F 95 -23.92 8.59 6.78
N THR F 96 -25.10 8.27 7.32
CA THR F 96 -25.23 7.88 8.72
C THR F 96 -25.02 6.36 8.92
N LYS F 97 -25.27 5.59 7.86
CA LYS F 97 -25.39 4.13 7.96
C LYS F 97 -24.14 3.37 7.56
N ILE F 98 -24.06 2.10 7.97
CA ILE F 98 -23.08 1.13 7.48
C ILE F 98 -23.80 -0.20 7.20
N VAL F 99 -23.10 -1.15 6.58
CA VAL F 99 -23.70 -2.45 6.27
C VAL F 99 -23.06 -3.60 7.07
N TYR F 100 -23.90 -4.44 7.66
CA TYR F 100 -23.47 -5.65 8.35
C TYR F 100 -23.95 -6.90 7.62
N PHE F 101 -23.03 -7.81 7.35
CA PHE F 101 -23.33 -9.17 6.87
C PHE F 101 -24.00 -9.97 7.99
N MET F 102 -25.14 -10.56 7.71
CA MET F 102 -25.80 -11.45 8.67
C MET F 102 -25.54 -12.93 8.34
N THR F 103 -25.84 -13.33 7.10
CA THR F 103 -25.65 -14.71 6.64
C THR F 103 -25.15 -14.79 5.20
N ILE F 104 -24.45 -15.87 4.88
CA ILE F 104 -24.12 -16.25 3.52
C ILE F 104 -24.48 -17.71 3.39
N ASP F 105 -25.11 -18.08 2.28
CA ASP F 105 -25.50 -19.46 2.06
C ASP F 105 -25.59 -19.80 0.57
N LYS F 106 -25.46 -21.08 0.25
CA LYS F 106 -25.63 -21.60 -1.11
C LYS F 106 -24.72 -20.94 -2.14
N VAL F 107 -23.44 -20.78 -1.77
CA VAL F 107 -22.47 -20.26 -2.70
C VAL F 107 -21.68 -21.37 -3.40
N LYS F 108 -21.56 -21.23 -4.72
CA LYS F 108 -20.84 -22.14 -5.58
C LYS F 108 -20.02 -21.32 -6.56
N PHE F 109 -18.72 -21.60 -6.61
CA PHE F 109 -17.84 -20.98 -7.56
C PHE F 109 -17.57 -21.95 -8.70
N ARG F 110 -17.79 -21.49 -9.92
CA ARG F 110 -17.69 -22.36 -11.09
C ARG F 110 -16.47 -22.05 -11.94
N ILE F 111 -16.15 -20.77 -12.10
CA ILE F 111 -15.05 -20.33 -12.97
C ILE F 111 -14.21 -19.28 -12.24
N PRO F 112 -12.89 -19.49 -12.17
CA PRO F 112 -11.98 -18.47 -11.63
C PRO F 112 -12.12 -17.12 -12.34
N VAL F 113 -12.05 -16.05 -11.56
CA VAL F 113 -12.12 -14.68 -12.08
C VAL F 113 -10.70 -14.12 -12.07
N THR F 114 -10.30 -13.50 -13.17
CA THR F 114 -8.90 -13.10 -13.38
C THR F 114 -8.82 -11.65 -13.92
N PRO F 115 -7.63 -11.01 -13.82
CA PRO F 115 -7.46 -9.68 -14.41
C PRO F 115 -7.86 -9.62 -15.88
N GLY F 116 -8.62 -8.59 -16.26
CA GLY F 116 -9.16 -8.45 -17.60
C GLY F 116 -10.63 -8.83 -17.67
N ASP F 117 -11.13 -9.49 -16.61
CA ASP F 117 -12.54 -9.84 -16.52
C ASP F 117 -13.41 -8.67 -16.06
N ARG F 118 -14.62 -8.63 -16.59
CA ARG F 118 -15.66 -7.71 -16.16
C ARG F 118 -16.58 -8.55 -15.28
N LEU F 119 -16.50 -8.33 -13.96
CA LEU F 119 -17.27 -9.13 -13.01
C LEU F 119 -18.66 -8.52 -12.78
N GLU F 120 -19.67 -9.20 -13.31
CA GLU F 120 -21.04 -8.67 -13.32
C GLU F 120 -21.90 -9.31 -12.23
N TYR F 121 -22.52 -8.46 -11.42
CA TYR F 121 -23.36 -8.90 -10.32
C TYR F 121 -24.84 -8.82 -10.69
N HIS F 122 -25.56 -9.93 -10.51
CA HIS F 122 -27.00 -9.98 -10.72
C HIS F 122 -27.66 -10.43 -9.43
N LEU F 123 -28.29 -9.49 -8.72
CA LEU F 123 -28.98 -9.82 -7.48
C LEU F 123 -30.46 -9.49 -7.58
N GLU F 124 -31.29 -10.41 -7.09
CA GLU F 124 -32.69 -10.12 -6.87
C GLU F 124 -32.97 -10.22 -5.37
N VAL F 125 -34.00 -9.54 -4.89
CA VAL F 125 -34.41 -9.64 -3.48
C VAL F 125 -35.31 -10.86 -3.30
N LEU F 126 -34.96 -11.69 -2.32
CA LEU F 126 -35.74 -12.87 -1.98
C LEU F 126 -36.77 -12.54 -0.92
N LYS F 127 -36.38 -11.67 0.01
CA LYS F 127 -37.17 -11.33 1.19
C LYS F 127 -36.58 -10.09 1.87
N HIS F 128 -37.45 -9.20 2.33
CA HIS F 128 -36.99 -8.04 3.09
C HIS F 128 -37.98 -7.57 4.17
N LYS F 129 -37.42 -7.05 5.25
CA LYS F 129 -38.17 -6.57 6.39
C LYS F 129 -37.34 -5.52 7.12
N GLY F 130 -37.83 -4.28 7.12
CA GLY F 130 -37.13 -3.18 7.77
C GLY F 130 -35.73 -3.02 7.21
N MET F 131 -34.73 -3.15 8.10
CA MET F 131 -33.33 -3.05 7.70
C MET F 131 -32.73 -4.36 7.21
N ILE F 132 -33.47 -5.47 7.38
CA ILE F 132 -33.00 -6.81 7.02
C ILE F 132 -33.35 -7.20 5.58
N TRP F 133 -32.32 -7.42 4.76
CA TRP F 133 -32.52 -7.73 3.34
C TRP F 133 -31.86 -9.05 2.94
N GLN F 134 -32.68 -9.97 2.42
CA GLN F 134 -32.18 -11.23 1.89
C GLN F 134 -32.17 -11.21 0.36
N VAL F 135 -30.98 -11.30 -0.22
CA VAL F 135 -30.83 -11.32 -1.68
C VAL F 135 -30.13 -12.57 -2.20
N GLY F 136 -30.34 -12.87 -3.48
CA GLY F 136 -29.69 -13.98 -4.14
C GLY F 136 -29.50 -13.77 -5.63
N GLY F 137 -28.47 -14.40 -6.18
CA GLY F 137 -28.27 -14.37 -7.62
C GLY F 137 -26.92 -14.90 -8.02
N THR F 138 -26.35 -14.29 -9.06
CA THR F 138 -25.13 -14.79 -9.66
C THR F 138 -24.10 -13.68 -9.88
N ALA F 139 -22.84 -14.09 -10.05
CA ALA F 139 -21.81 -13.25 -10.63
C ALA F 139 -21.48 -13.85 -12.00
N GLN F 140 -21.33 -12.99 -13.00
CA GLN F 140 -21.14 -13.43 -14.38
C GLN F 140 -19.98 -12.71 -15.04
N VAL F 141 -19.27 -13.45 -15.89
CA VAL F 141 -18.23 -12.88 -16.75
C VAL F 141 -18.56 -13.30 -18.18
N ASP F 142 -18.78 -12.31 -19.04
CA ASP F 142 -19.11 -12.55 -20.46
C ASP F 142 -20.27 -13.54 -20.61
N GLY F 143 -21.35 -13.29 -19.88
CA GLY F 143 -22.58 -14.07 -20.01
C GLY F 143 -22.61 -15.41 -19.30
N LYS F 144 -21.47 -15.83 -18.75
CA LYS F 144 -21.34 -17.10 -18.04
C LYS F 144 -21.34 -16.94 -16.53
N VAL F 145 -22.07 -17.81 -15.84
CA VAL F 145 -22.15 -17.81 -14.38
C VAL F 145 -20.83 -18.32 -13.80
N VAL F 146 -20.13 -17.46 -13.06
CA VAL F 146 -18.87 -17.83 -12.39
C VAL F 146 -19.08 -18.12 -10.90
N ALA F 147 -20.21 -17.66 -10.37
CA ALA F 147 -20.52 -17.82 -8.94
C ALA F 147 -22.00 -17.64 -8.65
N GLU F 148 -22.48 -18.37 -7.65
CA GLU F 148 -23.84 -18.20 -7.12
C GLU F 148 -23.74 -17.88 -5.64
N ALA F 149 -24.71 -17.14 -5.12
CA ALA F 149 -24.75 -16.85 -3.68
C ALA F 149 -26.12 -16.42 -3.22
N GLU F 150 -26.43 -16.73 -1.97
CA GLU F 150 -27.53 -16.10 -1.27
C GLU F 150 -26.95 -15.42 -0.06
N LEU F 151 -27.50 -14.27 0.30
CA LEU F 151 -27.02 -13.55 1.48
C LEU F 151 -28.09 -12.69 2.13
N LYS F 152 -27.89 -12.40 3.41
CA LYS F 152 -28.75 -11.53 4.18
C LYS F 152 -27.90 -10.46 4.86
N ALA F 153 -28.30 -9.21 4.68
CA ALA F 153 -27.55 -8.07 5.21
C ALA F 153 -28.43 -7.16 6.06
N MET F 154 -27.79 -6.34 6.88
CA MET F 154 -28.50 -5.39 7.72
C MET F 154 -27.89 -3.99 7.60
N ILE F 155 -28.76 -3.00 7.46
CA ILE F 155 -28.36 -1.60 7.48
C ILE F 155 -28.46 -1.11 8.92
N ALA F 156 -27.39 -0.48 9.40
CA ALA F 156 -27.33 -0.02 10.78
C ALA F 156 -26.81 1.42 10.85
N GLU F 157 -27.22 2.14 11.90
CA GLU F 157 -26.71 3.46 12.22
C GLU F 157 -25.23 3.41 12.58
CL CL G . 10.28 4.59 -17.45
CAG AGI H . 17.47 4.20 -20.06
CAE AGI H . 17.97 5.35 -20.65
CAM AGI H . 17.28 6.54 -20.49
OAB AGI H . 17.79 7.64 -21.09
CAF AGI H . 16.11 6.61 -19.71
CAH AGI H . 15.62 5.45 -19.11
CAP AGI H . 16.32 4.25 -19.27
CAQ AGI H . 15.91 3.03 -18.76
OAL AGI H . 16.84 2.17 -18.19
CAJ AGI H . 14.56 2.67 -18.94
CAR AGI H . 14.12 1.44 -18.50
OAA AGI H . 12.94 1.13 -18.64
CAT AGI H . 15.05 0.54 -17.97
CAS AGI H . 16.40 0.91 -17.85
CAK AGI H . 17.32 -0.01 -17.34
CAN AGI H . 16.92 -1.31 -17.00
OAC AGI H . 17.83 -2.21 -16.52
CAI AGI H . 15.58 -1.69 -17.15
CAO AGI H . 14.67 -0.76 -17.65
OAD AGI H . 13.38 -1.12 -17.82
CL CL I . -4.84 13.32 -15.65
C1 BEN J . 10.05 -5.06 -22.09
C2 BEN J . 9.27 -5.95 -22.84
C3 BEN J . 9.73 -7.22 -23.15
C4 BEN J . 11.00 -7.62 -22.72
C5 BEN J . 11.78 -6.74 -21.99
C6 BEN J . 11.32 -5.47 -21.67
C BEN J . 9.57 -3.77 -21.77
N1 BEN J . 10.20 -3.00 -20.89
N2 BEN J . 8.48 -3.27 -22.34
C1 BEN K . 8.53 -17.20 -32.52
C2 BEN K . 9.24 -16.07 -32.92
C3 BEN K . 8.72 -15.22 -33.89
C4 BEN K . 7.49 -15.49 -34.47
C5 BEN K . 6.77 -16.63 -34.08
C6 BEN K . 7.29 -17.47 -33.10
C BEN K . 9.06 -18.07 -31.52
N1 BEN K . 8.77 -19.35 -31.51
N2 BEN K . 9.85 -17.64 -30.55
CL CL L . 14.34 -4.67 15.12
C1 BEN M . -9.51 13.65 33.97
C2 BEN M . -8.49 14.62 34.03
C3 BEN M . -8.79 15.96 33.79
C4 BEN M . -10.11 16.34 33.48
C5 BEN M . -11.12 15.38 33.42
C6 BEN M . -10.82 14.04 33.66
C BEN M . -9.21 12.28 34.19
N1 BEN M . -7.98 11.81 34.07
N2 BEN M . -10.15 11.42 34.54
CAG AGI N . 1.61 15.95 16.19
CAE AGI N . 2.09 16.86 15.25
CAM AGI N . 3.46 17.12 15.17
OAB AGI N . 3.93 18.01 14.26
CAF AGI N . 4.35 16.47 16.01
CAH AGI N . 3.87 15.55 16.96
CAP AGI N . 2.49 15.28 17.03
CAQ AGI N . 2.02 14.38 17.99
OAL AGI N . 0.83 14.68 18.60
CAJ AGI N . 2.76 13.26 18.35
CAR AGI N . 2.28 12.37 19.32
OAA AGI N . 2.95 11.37 19.62
CAT AGI N . 1.08 12.68 19.97
CAS AGI N . 0.38 13.84 19.60
CAK AGI N . -0.81 14.18 20.24
CAN AGI N . -1.32 13.37 21.26
OAC AGI N . -2.48 13.72 21.87
CAI AGI N . -0.62 12.22 21.63
CAO AGI N . 0.58 11.87 21.01
OAD AGI N . 1.25 10.74 21.39
CL CL O . 8.20 11.46 15.68
CL CL P . -19.11 -7.42 7.44
C1 BEN Q . -22.28 -23.36 15.93
C2 BEN Q . -23.47 -23.49 15.21
C3 BEN Q . -23.50 -24.23 14.03
C4 BEN Q . -22.33 -24.87 13.56
C5 BEN Q . -21.14 -24.74 14.28
C6 BEN Q . -21.13 -24.00 15.46
C BEN Q . -22.24 -22.60 17.11
N1 BEN Q . -21.65 -23.02 18.22
N2 BEN Q . -22.82 -21.41 17.15
CL CL R . -10.92 -18.32 -4.26
#